data_6T7B
#
_entry.id   6T7B
#
_cell.length_a   1.00
_cell.length_b   1.00
_cell.length_c   1.00
_cell.angle_alpha   90.00
_cell.angle_beta   90.00
_cell.angle_gamma   90.00
#
_symmetry.space_group_name_H-M   'P 1'
#
loop_
_entity.id
_entity.type
_entity.pdbx_description
1 polymer 'Histone H3.2'
2 polymer 'Histone H4'
3 polymer 'Histone H2A type 1-B/E'
4 polymer 'Histone H2B type 1-K'
5 polymer 'DNA (147-MER)'
6 polymer 'DNA (147-MER)'
7 polymer 'Transcription factor SOX-2'
#
loop_
_entity_poly.entity_id
_entity_poly.type
_entity_poly.pdbx_seq_one_letter_code
_entity_poly.pdbx_strand_id
1 'polypeptide(L)'
;MARTKQTARKSTGGKAPRKQLATKAARKSAPATGGVKKPHRYRPGTVALREIRRYQKSTELLIRKLPFQRLVREIAQDFK
TDLRFQSSAVMALQEASEAYLVGLFEDTNLAAIHAKRVTIMPKDIQLARRIRGERA
;
A,E
2 'polypeptide(L)'
;MSGRGKGGKGLGKGGAKRHRKVLRDNIQGITKPAIRRLARRGGVKRISGLIYEETRGVLKVFLENVIRDAVTYTEHAKRK
TVTAMDVVYALKRQGRTLYGFGG
;
B,F
3 'polypeptide(L)'
;MGSSHHHHHHENLYFQSNAPWMSGRGKQGGKARAKAKTRSSRAGLQFPVGRVHRLLRKGNYSERVGAGAPVYLAAVLEYL
TAEILELAGNAARDNKKTRIIPRHLQLAIRNDEELNKLLGRVTIAQGGVLPNIQAVLLPKKTESHHKAKGK
;
C,G
4 'polypeptide(L)'
;MPEPAKSAPAPKKGSKKAVTKAQKKDGKKRKRSRKESYSVYVYKVLKQVHPDTGISSKAMGIMNSFVNDIFERIAGEASR
LAHYNKRSTITSREIQTAVRLLLPGELAKHAVSEGTKAVTKYTSAK
;
D,H
5 'polydeoxyribonucleotide'
;(DA)(DT)(DC)(DT)(DA)(DC)(DA)(DC)(DG)(DA)(DC)(DG)(DC)(DT)(DC)(DT)(DT)(DC)(DC)(DG)
(DA)(DT)(DC)(DT)(DA)(DA)(DT)(DT)(DT)(DA)(DT)(DG)(DT)(DT)(DT)(DG)(DT)(DT)(DA)(DG)
(DC)(DG)(DT)(DT)(DA)(DT)(DA)(DC)(DT)(DA)(DT)(DT)(DC)(DT)(DA)(DA)(DT)(DT)(DC)(DT)
(DT)(DT)(DG)(DT)(DT)(DT)(DC)(DG)(DG)(DT)(DG)(DG)(DT)(DA)(DT)(DT)(DG)(DT)(DT)(DT)
(DA)(DT)(DT)(DT)(DT)(DG)(DT)(DT)(DC)(DC)(DT)(DT)(DT)(DG)(DT)(DG)(DC)(DG)(DT)(DT)
(DC)(DA)(DG)(DC)(DT)(DT)(DA)(DA)(DT)(DG)(DC)(DC)(DT)(DA)(DA)(DC)(DG)(DA)(DC)(DA)
(DC)(DT)(DC)(DG)(DG)(DA)(DG)(DA)(DT)(DC)(DG)(DG)(DA)(DA)(DG)(DA)(DG)(DC)(DA)(DC)
(DA)(DC)(DG)(DT)(DG)(DA)(DT)
;
I
6 'polydeoxyribonucleotide'
;(DA)(DT)(DC)(DA)(DC)(DG)(DT)(DG)(DT)(DG)(DC)(DT)(DC)(DT)(DT)(DC)(DC)(DG)(DA)(DT)
(DC)(DT)(DC)(DC)(DG)(DA)(DG)(DT)(DG)(DT)(DC)(DG)(DT)(DT)(DA)(DG)(DG)(DC)(DA)(DT)
(DT)(DA)(DA)(DG)(DC)(DT)(DG)(DA)(DA)(DC)(DG)(DC)(DA)(DC)(DA)(DA)(DA)(DG)(DG)(DA)
(DA)(DC)(DA)(DA)(DA)(DA)(DT)(DA)(DA)(DA)(DC)(DA)(DA)(DT)(DA)(DC)(DC)(DA)(DC)(DC)
(DG)(DA)(DA)(DA)(DC)(DA)(DA)(DA)(DG)(DA)(DA)(DT)(DT)(DA)(DG)(DA)(DA)(DT)(DA)(DG)
(DT)(DA)(DT)(DA)(DA)(DC)(DG)(DC)(DT)(DA)(DA)(DC)(DA)(DA)(DA)(DC)(DA)(DT)(DA)(DA)
(DA)(DT)(DT)(DA)(DG)(DA)(DT)(DC)(DG)(DG)(DA)(DA)(DG)(DA)(DG)(DC)(DG)(DT)(DC)(DG)
(DT)(DG)(DT)(DA)(DG)(DA)(DT)
;
J
7 'polypeptide(L)'
;SNANSPDRVKRPMNAFMVWSRGQRRKMAQENPKMHNSEISKRLGAEWKLLSETEKRPFIDEAKRLRALHMKEHPDYKYRP
RRKTKTLMK
;
K
#
loop_
_chem_comp.id
_chem_comp.type
_chem_comp.name
_chem_comp.formula
DA DNA linking 2'-DEOXYADENOSINE-5'-MONOPHOSPHATE 'C10 H14 N5 O6 P'
DC DNA linking 2'-DEOXYCYTIDINE-5'-MONOPHOSPHATE 'C9 H14 N3 O7 P'
DG DNA linking 2'-DEOXYGUANOSINE-5'-MONOPHOSPHATE 'C10 H14 N5 O7 P'
DT DNA linking THYMIDINE-5'-MONOPHOSPHATE 'C10 H15 N2 O8 P'
#
# COMPACT_ATOMS: atom_id res chain seq x y z
N LYS A 38 -6.48 -19.75 -58.30
CA LYS A 38 -6.25 -18.59 -57.44
C LYS A 38 -6.89 -18.83 -56.08
N PRO A 39 -6.07 -19.16 -55.08
CA PRO A 39 -6.59 -19.33 -53.72
C PRO A 39 -7.00 -18.01 -53.12
N HIS A 40 -7.88 -18.08 -52.11
CA HIS A 40 -8.38 -16.88 -51.45
C HIS A 40 -7.55 -16.61 -50.20
N ARG A 41 -7.15 -15.36 -50.02
CA ARG A 41 -6.32 -14.95 -48.90
C ARG A 41 -7.03 -13.84 -48.11
N TYR A 42 -6.93 -13.93 -46.78
CA TYR A 42 -7.43 -12.86 -45.93
C TYR A 42 -6.43 -11.71 -45.86
N ARG A 43 -6.79 -10.68 -45.10
CA ARG A 43 -5.97 -9.50 -44.91
C ARG A 43 -5.34 -9.53 -43.53
N PRO A 44 -4.19 -8.87 -43.35
CA PRO A 44 -3.58 -8.80 -42.02
C PRO A 44 -4.45 -8.00 -41.07
N GLY A 45 -4.77 -8.62 -39.93
CA GLY A 45 -5.69 -8.06 -38.99
C GLY A 45 -7.08 -8.65 -39.02
N THR A 46 -7.54 -9.14 -40.18
CA THR A 46 -8.89 -9.67 -40.30
C THR A 46 -9.05 -10.97 -39.52
N VAL A 47 -8.05 -11.84 -39.60
CA VAL A 47 -8.05 -13.12 -38.90
C VAL A 47 -7.71 -12.84 -37.44
N ALA A 48 -7.00 -11.73 -37.22
CA ALA A 48 -6.49 -11.41 -35.88
C ALA A 48 -7.61 -11.07 -34.92
N LEU A 49 -8.67 -10.41 -35.40
CA LEU A 49 -9.80 -10.08 -34.52
C LEU A 49 -10.58 -11.34 -34.14
N ARG A 50 -10.76 -12.26 -35.09
CA ARG A 50 -11.42 -13.53 -34.77
C ARG A 50 -10.59 -14.35 -33.79
N GLU A 51 -9.27 -14.30 -33.90
CA GLU A 51 -8.43 -15.00 -32.94
C GLU A 51 -8.50 -14.35 -31.57
N ILE A 52 -8.55 -13.01 -31.52
CA ILE A 52 -8.70 -12.30 -30.26
C ILE A 52 -10.01 -12.68 -29.59
N ARG A 53 -11.08 -12.76 -30.37
CA ARG A 53 -12.39 -13.11 -29.82
C ARG A 53 -12.43 -14.55 -29.32
N ARG A 54 -11.88 -15.48 -30.09
CA ARG A 54 -11.96 -16.88 -29.67
C ARG A 54 -11.01 -17.18 -28.52
N TYR A 55 -9.93 -16.41 -28.36
CA TYR A 55 -9.07 -16.63 -27.21
C TYR A 55 -9.55 -15.91 -25.97
N GLN A 56 -10.30 -14.81 -26.14
CA GLN A 56 -10.93 -14.20 -24.99
C GLN A 56 -12.12 -14.99 -24.50
N LYS A 57 -12.81 -15.69 -25.42
CA LYS A 57 -13.92 -16.54 -25.01
C LYS A 57 -13.40 -17.80 -24.31
N SER A 58 -12.41 -18.46 -24.89
CA SER A 58 -11.93 -19.73 -24.37
C SER A 58 -11.02 -19.52 -23.16
N THR A 59 -11.05 -20.49 -22.25
CA THR A 59 -10.44 -20.35 -20.94
C THR A 59 -9.27 -21.31 -20.70
N GLU A 60 -8.79 -22.01 -21.72
CA GLU A 60 -7.73 -22.97 -21.52
C GLU A 60 -6.37 -22.28 -21.44
N LEU A 61 -5.34 -23.08 -21.19
CA LEU A 61 -3.98 -22.56 -21.17
C LEU A 61 -3.37 -22.62 -22.57
N LEU A 62 -2.59 -21.59 -22.90
CA LEU A 62 -2.13 -21.41 -24.26
C LEU A 62 -0.70 -21.85 -24.49
N ILE A 63 0.05 -22.17 -23.43
CA ILE A 63 1.37 -22.75 -23.56
C ILE A 63 1.32 -24.16 -22.99
N ARG A 64 2.06 -25.07 -23.63
CA ARG A 64 1.94 -26.49 -23.33
C ARG A 64 2.53 -26.82 -21.96
N LYS A 65 2.01 -27.88 -21.33
CA LYS A 65 2.37 -28.17 -19.96
C LYS A 65 3.78 -28.74 -19.83
N LEU A 66 4.24 -29.47 -20.84
CA LEU A 66 5.57 -30.09 -20.74
C LEU A 66 6.74 -29.10 -20.90
N PRO A 67 6.73 -28.13 -21.84
CA PRO A 67 7.81 -27.13 -21.79
C PRO A 67 7.78 -26.27 -20.54
N PHE A 68 6.60 -26.03 -19.97
CA PHE A 68 6.55 -25.30 -18.72
C PHE A 68 7.10 -26.12 -17.58
N GLN A 69 6.87 -27.44 -17.58
CA GLN A 69 7.48 -28.31 -16.59
C GLN A 69 9.00 -28.29 -16.71
N ARG A 70 9.50 -28.33 -17.95
CA ARG A 70 10.94 -28.34 -18.17
C ARG A 70 11.58 -27.01 -17.78
N LEU A 71 10.90 -25.89 -18.07
CA LEU A 71 11.46 -24.59 -17.72
C LEU A 71 11.42 -24.35 -16.22
N VAL A 72 10.35 -24.78 -15.54
CA VAL A 72 10.28 -24.61 -14.10
C VAL A 72 11.32 -25.47 -13.40
N ARG A 73 11.52 -26.71 -13.88
CA ARG A 73 12.57 -27.53 -13.29
C ARG A 73 13.97 -27.04 -13.67
N GLU A 74 14.11 -26.33 -14.78
CA GLU A 74 15.40 -25.77 -15.13
C GLU A 74 15.73 -24.58 -14.22
N ILE A 75 14.74 -23.74 -13.95
CA ILE A 75 14.95 -22.55 -13.14
C ILE A 75 15.17 -22.94 -11.68
N ALA A 76 14.40 -23.89 -11.17
CA ALA A 76 14.49 -24.21 -9.75
C ALA A 76 15.70 -25.06 -9.38
N GLN A 77 16.59 -25.37 -10.33
CA GLN A 77 17.85 -26.00 -9.98
C GLN A 77 18.73 -25.04 -9.18
N ASP A 78 18.74 -23.76 -9.57
CA ASP A 78 19.69 -22.79 -9.06
C ASP A 78 19.40 -22.36 -7.62
N PHE A 79 18.24 -22.71 -7.08
CA PHE A 79 17.94 -22.42 -5.69
C PHE A 79 18.13 -23.64 -4.79
N LYS A 80 17.71 -24.81 -5.25
CA LYS A 80 18.06 -26.07 -4.61
C LYS A 80 17.93 -27.16 -5.65
N THR A 81 19.01 -27.92 -5.85
CA THR A 81 18.97 -29.02 -6.80
C THR A 81 18.18 -30.18 -6.22
N ASP A 82 17.70 -31.04 -7.14
CA ASP A 82 16.87 -32.21 -6.83
C ASP A 82 15.59 -31.83 -6.08
N LEU A 83 14.73 -31.07 -6.75
CA LEU A 83 13.40 -30.77 -6.24
C LEU A 83 12.37 -31.55 -7.04
N ARG A 84 11.35 -32.05 -6.36
CA ARG A 84 10.23 -32.67 -7.05
C ARG A 84 9.10 -31.66 -7.15
N PHE A 85 8.56 -31.53 -8.35
CA PHE A 85 7.46 -30.59 -8.60
C PHE A 85 6.18 -31.38 -8.76
N GLN A 86 5.21 -31.09 -7.89
CA GLN A 86 3.87 -31.63 -8.07
C GLN A 86 3.27 -31.10 -9.37
N SER A 87 2.42 -31.90 -9.99
CA SER A 87 1.75 -31.47 -11.22
C SER A 87 0.82 -30.30 -10.95
N SER A 88 0.19 -30.29 -9.77
CA SER A 88 -0.66 -29.17 -9.39
C SER A 88 0.14 -27.90 -9.15
N ALA A 89 1.39 -28.02 -8.70
CA ALA A 89 2.22 -26.84 -8.51
C ALA A 89 2.64 -26.23 -9.85
N VAL A 90 3.01 -27.06 -10.81
CA VAL A 90 3.36 -26.54 -12.13
C VAL A 90 2.13 -25.99 -12.83
N MET A 91 0.96 -26.57 -12.58
CA MET A 91 -0.27 -26.01 -13.15
C MET A 91 -0.61 -24.66 -12.52
N ALA A 92 -0.42 -24.51 -11.22
CA ALA A 92 -0.68 -23.22 -10.57
C ALA A 92 0.30 -22.16 -11.05
N LEU A 93 1.56 -22.54 -11.23
CA LEU A 93 2.53 -21.62 -11.82
C LEU A 93 2.18 -21.26 -13.24
N GLN A 94 1.59 -22.19 -14.00
CA GLN A 94 1.19 -21.87 -15.36
C GLN A 94 -0.01 -20.94 -15.40
N GLU A 95 -0.95 -21.13 -14.48
CA GLU A 95 -2.11 -20.23 -14.39
C GLU A 95 -1.69 -18.82 -14.05
N ALA A 96 -0.85 -18.67 -13.02
CA ALA A 96 -0.41 -17.34 -12.63
C ALA A 96 0.51 -16.72 -13.67
N SER A 97 1.30 -17.54 -14.36
CA SER A 97 2.14 -17.06 -15.44
C SER A 97 1.32 -16.51 -16.59
N GLU A 98 0.30 -17.25 -17.02
CA GLU A 98 -0.56 -16.78 -18.10
C GLU A 98 -1.33 -15.54 -17.68
N ALA A 99 -1.74 -15.47 -16.41
CA ALA A 99 -2.46 -14.30 -15.93
C ALA A 99 -1.57 -13.06 -15.91
N TYR A 100 -0.32 -13.22 -15.44
CA TYR A 100 0.61 -12.10 -15.40
C TYR A 100 0.96 -11.62 -16.79
N LEU A 101 1.21 -12.54 -17.72
CA LEU A 101 1.55 -12.10 -19.07
C LEU A 101 0.36 -11.52 -19.80
N VAL A 102 -0.86 -11.99 -19.53
CA VAL A 102 -2.03 -11.41 -20.18
C VAL A 102 -2.31 -10.02 -19.65
N GLY A 103 -2.15 -9.79 -18.34
CA GLY A 103 -2.29 -8.45 -17.80
C GLY A 103 -1.22 -7.50 -18.30
N LEU A 104 0.02 -7.98 -18.40
CA LEU A 104 1.11 -7.16 -18.93
C LEU A 104 0.89 -6.84 -20.40
N PHE A 105 0.28 -7.74 -21.16
CA PHE A 105 0.02 -7.44 -22.56
C PHE A 105 -1.18 -6.53 -22.74
N GLU A 106 -2.12 -6.56 -21.80
CA GLU A 106 -3.19 -5.56 -21.79
C GLU A 106 -2.63 -4.17 -21.55
N ASP A 107 -1.74 -4.03 -20.55
CA ASP A 107 -1.11 -2.73 -20.28
C ASP A 107 -0.20 -2.30 -21.43
N THR A 108 0.46 -3.27 -22.08
CA THR A 108 1.26 -2.97 -23.26
C THR A 108 0.40 -2.45 -24.40
N ASN A 109 -0.80 -3.03 -24.57
CA ASN A 109 -1.67 -2.52 -25.62
C ASN A 109 -2.24 -1.15 -25.27
N LEU A 110 -2.48 -0.89 -23.98
CA LEU A 110 -2.91 0.44 -23.56
C LEU A 110 -1.83 1.48 -23.85
N ALA A 111 -0.57 1.15 -23.55
CA ALA A 111 0.52 2.09 -23.79
C ALA A 111 0.80 2.26 -25.27
N ALA A 112 0.65 1.20 -26.06
CA ALA A 112 0.91 1.31 -27.49
C ALA A 112 -0.22 2.05 -28.20
N ILE A 113 -1.46 1.87 -27.74
CA ILE A 113 -2.57 2.65 -28.24
C ILE A 113 -2.40 4.12 -27.87
N HIS A 114 -1.86 4.38 -26.67
CA HIS A 114 -1.69 5.74 -26.20
C HIS A 114 -0.69 6.52 -27.04
N ALA A 115 0.37 5.85 -27.51
CA ALA A 115 1.36 6.48 -28.38
C ALA A 115 0.95 6.44 -29.83
N LYS A 116 -0.33 6.19 -30.11
CA LYS A 116 -0.92 6.10 -31.46
C LYS A 116 -0.23 5.03 -32.29
N ARG A 117 -0.17 3.83 -31.74
CA ARG A 117 0.31 2.65 -32.43
C ARG A 117 -0.66 1.51 -32.18
N VAL A 118 -0.55 0.48 -33.02
CA VAL A 118 -1.17 -0.81 -32.75
C VAL A 118 -0.12 -1.90 -32.57
N THR A 119 0.97 -1.84 -33.34
CA THR A 119 2.07 -2.78 -33.18
C THR A 119 2.81 -2.45 -31.89
N ILE A 120 2.65 -3.29 -30.88
CA ILE A 120 3.34 -3.05 -29.62
C ILE A 120 4.83 -3.32 -29.81
N MET A 121 5.63 -2.70 -28.96
CA MET A 121 7.09 -2.67 -29.07
C MET A 121 7.66 -2.95 -27.69
N PRO A 122 8.93 -3.37 -27.58
CA PRO A 122 9.46 -3.72 -26.25
C PRO A 122 9.58 -2.54 -25.30
N LYS A 123 9.70 -1.32 -25.83
CA LYS A 123 9.71 -0.14 -24.98
C LYS A 123 8.35 0.06 -24.32
N ASP A 124 7.27 -0.40 -24.96
CA ASP A 124 5.96 -0.36 -24.32
C ASP A 124 5.91 -1.33 -23.14
N ILE A 125 6.56 -2.49 -23.28
CA ILE A 125 6.61 -3.45 -22.18
C ILE A 125 7.42 -2.87 -21.03
N GLN A 126 8.57 -2.25 -21.33
CA GLN A 126 9.40 -1.67 -20.29
C GLN A 126 8.71 -0.49 -19.63
N LEU A 127 7.98 0.31 -20.40
CA LEU A 127 7.21 1.41 -19.85
C LEU A 127 6.10 0.92 -18.94
N ALA A 128 5.32 -0.06 -19.40
CA ALA A 128 4.20 -0.57 -18.61
C ALA A 128 4.69 -1.33 -17.38
N ARG A 129 5.92 -1.83 -17.41
CA ARG A 129 6.51 -2.36 -16.19
C ARG A 129 6.97 -1.24 -15.27
N ARG A 130 7.44 -0.14 -15.86
CA ARG A 130 7.99 0.95 -15.07
C ARG A 130 6.90 1.70 -14.31
N ILE A 131 5.77 1.95 -14.98
CA ILE A 131 4.65 2.65 -14.34
C ILE A 131 4.04 1.79 -13.25
N ARG A 132 4.03 0.47 -13.45
CA ARG A 132 3.30 -0.44 -12.58
C ARG A 132 3.94 -0.60 -11.21
N GLY A 133 5.17 -0.14 -11.02
CA GLY A 133 5.89 -0.41 -9.80
C GLY A 133 6.76 -1.64 -9.85
N GLU A 134 7.04 -2.17 -11.04
CA GLU A 134 7.88 -3.36 -11.14
C GLU A 134 9.35 -2.96 -11.15
N ARG A 135 9.75 -2.08 -12.07
CA ARG A 135 11.12 -1.62 -12.13
C ARG A 135 11.21 -0.23 -12.76
N HIS B 19 18.49 -40.73 -11.95
CA HIS B 19 17.54 -39.63 -11.92
C HIS B 19 18.26 -38.28 -11.83
N ARG B 20 19.58 -38.32 -11.99
CA ARG B 20 20.39 -37.10 -11.99
C ARG B 20 20.40 -36.54 -13.41
N LYS B 21 20.18 -35.23 -13.54
CA LYS B 21 20.07 -34.56 -14.82
C LYS B 21 20.18 -33.06 -14.61
N VAL B 22 20.85 -32.38 -15.53
CA VAL B 22 20.92 -30.93 -15.56
C VAL B 22 20.19 -30.46 -16.82
N LEU B 23 19.56 -29.28 -16.73
CA LEU B 23 18.75 -28.76 -17.81
C LEU B 23 19.34 -27.47 -18.36
N ARG B 24 19.02 -27.18 -19.63
CA ARG B 24 19.60 -26.04 -20.31
C ARG B 24 18.70 -25.63 -21.47
N ASP B 25 18.63 -24.32 -21.72
CA ASP B 25 17.99 -23.72 -22.90
C ASP B 25 16.50 -24.04 -22.98
N ASN B 26 15.84 -24.03 -21.84
CA ASN B 26 14.41 -24.32 -21.78
C ASN B 26 13.55 -23.09 -22.02
N ILE B 27 14.15 -21.92 -22.17
CA ILE B 27 13.36 -20.72 -22.47
C ILE B 27 12.97 -20.67 -23.93
N GLN B 28 13.57 -21.47 -24.78
CA GLN B 28 13.06 -21.62 -26.13
C GLN B 28 11.86 -22.56 -26.20
N GLY B 29 11.57 -23.28 -25.11
CA GLY B 29 10.43 -24.18 -25.13
C GLY B 29 9.11 -23.45 -25.06
N ILE B 30 9.12 -22.22 -24.57
CA ILE B 30 7.95 -21.35 -24.63
C ILE B 30 8.02 -20.59 -25.95
N THR B 31 7.28 -21.06 -26.94
CA THR B 31 7.58 -20.74 -28.32
C THR B 31 6.91 -19.46 -28.77
N LYS B 32 7.31 -18.97 -29.94
CA LYS B 32 6.81 -17.71 -30.46
C LYS B 32 5.34 -17.75 -30.89
N PRO B 33 4.82 -18.76 -31.58
CA PRO B 33 3.36 -18.87 -31.71
C PRO B 33 2.64 -19.38 -30.47
N ALA B 34 3.34 -19.53 -29.34
CA ALA B 34 2.69 -19.69 -28.05
C ALA B 34 2.80 -18.44 -27.20
N ILE B 35 3.66 -17.50 -27.59
CA ILE B 35 3.62 -16.15 -27.04
C ILE B 35 2.52 -15.35 -27.70
N ARG B 36 2.33 -15.57 -29.01
CA ARG B 36 1.31 -14.83 -29.76
C ARG B 36 -0.10 -15.12 -29.27
N ARG B 37 -0.34 -16.31 -28.73
CA ARG B 37 -1.66 -16.58 -28.18
C ARG B 37 -1.87 -15.90 -26.84
N LEU B 38 -0.84 -15.84 -26.00
CA LEU B 38 -0.93 -15.07 -24.76
C LEU B 38 -1.06 -13.58 -25.01
N ALA B 39 -0.49 -13.10 -26.12
CA ALA B 39 -0.66 -11.70 -26.46
C ALA B 39 -2.05 -11.43 -26.99
N ARG B 40 -2.55 -12.30 -27.88
CA ARG B 40 -3.86 -12.08 -28.47
C ARG B 40 -5.00 -12.43 -27.54
N ARG B 41 -4.73 -13.07 -26.40
CA ARG B 41 -5.75 -13.10 -25.36
C ARG B 41 -5.90 -11.72 -24.72
N GLY B 42 -4.79 -11.05 -24.48
CA GLY B 42 -4.82 -9.73 -23.87
C GLY B 42 -5.31 -8.61 -24.76
N GLY B 43 -5.66 -8.89 -26.01
CA GLY B 43 -6.22 -7.89 -26.88
C GLY B 43 -5.25 -7.28 -27.86
N VAL B 44 -4.06 -7.82 -27.99
CA VAL B 44 -3.06 -7.25 -28.88
C VAL B 44 -3.39 -7.61 -30.32
N LYS B 45 -3.39 -6.62 -31.21
CA LYS B 45 -3.72 -6.84 -32.61
C LYS B 45 -2.49 -7.07 -33.47
N ARG B 46 -1.36 -6.46 -33.14
CA ARG B 46 -0.12 -6.70 -33.88
C ARG B 46 1.02 -6.77 -32.90
N ILE B 47 1.92 -7.73 -33.12
CA ILE B 47 3.04 -8.00 -32.22
C ILE B 47 4.32 -7.88 -33.03
N SER B 48 5.28 -7.12 -32.51
CA SER B 48 6.52 -6.90 -33.23
C SER B 48 7.44 -8.11 -33.13
N GLY B 49 8.58 -8.03 -33.80
CA GLY B 49 9.48 -9.16 -33.84
C GLY B 49 10.34 -9.30 -32.61
N LEU B 50 10.65 -8.19 -31.95
CA LEU B 50 11.55 -8.19 -30.82
C LEU B 50 10.83 -8.33 -29.49
N ILE B 51 9.54 -8.65 -29.52
CA ILE B 51 8.76 -8.80 -28.29
C ILE B 51 9.15 -10.06 -27.56
N TYR B 52 9.61 -11.08 -28.29
CA TYR B 52 9.61 -12.44 -27.78
C TYR B 52 10.69 -12.65 -26.73
N GLU B 53 11.92 -12.20 -27.00
CA GLU B 53 13.01 -12.37 -26.04
C GLU B 53 12.79 -11.52 -24.80
N GLU B 54 12.23 -10.32 -24.98
CA GLU B 54 11.92 -9.47 -23.83
C GLU B 54 10.83 -10.07 -22.96
N THR B 55 9.81 -10.67 -23.57
CA THR B 55 8.76 -11.31 -22.79
C THR B 55 9.26 -12.57 -22.11
N ARG B 56 10.18 -13.28 -22.76
CA ARG B 56 10.80 -14.44 -22.12
C ARG B 56 11.65 -14.01 -20.93
N GLY B 57 12.32 -12.86 -21.04
CA GLY B 57 13.08 -12.35 -19.91
C GLY B 57 12.20 -11.88 -18.76
N VAL B 58 11.07 -11.25 -19.10
CA VAL B 58 10.09 -10.83 -18.10
C VAL B 58 9.53 -12.04 -17.37
N LEU B 59 9.19 -13.07 -18.15
CA LEU B 59 8.74 -14.33 -17.59
C LEU B 59 9.82 -14.98 -16.73
N LYS B 60 11.08 -14.86 -17.15
CA LYS B 60 12.17 -15.46 -16.43
C LYS B 60 12.37 -14.81 -15.08
N VAL B 61 12.33 -13.48 -15.02
CA VAL B 61 12.53 -12.82 -13.73
C VAL B 61 11.32 -12.99 -12.83
N PHE B 62 10.11 -13.07 -13.41
CA PHE B 62 8.92 -13.30 -12.60
C PHE B 62 8.92 -14.70 -12.00
N LEU B 63 9.24 -15.70 -12.82
CA LEU B 63 9.36 -17.07 -12.33
C LEU B 63 10.49 -17.21 -11.34
N GLU B 64 11.57 -16.46 -11.52
CA GLU B 64 12.69 -16.56 -10.60
C GLU B 64 12.31 -16.03 -9.23
N ASN B 65 11.59 -14.92 -9.18
CA ASN B 65 11.11 -14.39 -7.90
C ASN B 65 10.12 -15.34 -7.23
N VAL B 66 9.11 -15.81 -7.97
CA VAL B 66 8.07 -16.62 -7.32
C VAL B 66 8.59 -18.02 -6.99
N ILE B 67 9.52 -18.54 -7.78
CA ILE B 67 10.07 -19.86 -7.52
C ILE B 67 11.03 -19.80 -6.35
N ARG B 68 11.81 -18.71 -6.23
CA ARG B 68 12.69 -18.56 -5.07
C ARG B 68 11.89 -18.42 -3.79
N ASP B 69 10.76 -17.72 -3.85
CA ASP B 69 9.87 -17.65 -2.69
C ASP B 69 9.28 -19.01 -2.35
N ALA B 70 8.89 -19.79 -3.37
CA ALA B 70 8.32 -21.12 -3.11
C ALA B 70 9.38 -22.07 -2.58
N VAL B 71 10.62 -21.94 -3.03
CA VAL B 71 11.71 -22.79 -2.57
C VAL B 71 12.05 -22.48 -1.12
N THR B 72 12.04 -21.19 -0.75
CA THR B 72 12.27 -20.85 0.66
C THR B 72 11.12 -21.32 1.54
N TYR B 73 9.90 -21.26 1.01
CA TYR B 73 8.73 -21.80 1.73
C TYR B 73 8.85 -23.29 1.98
N THR B 74 9.23 -24.06 0.95
CA THR B 74 9.31 -25.49 1.14
C THR B 74 10.56 -25.93 1.88
N GLU B 75 11.62 -25.11 1.87
CA GLU B 75 12.81 -25.45 2.61
C GLU B 75 12.72 -25.07 4.07
N HIS B 76 11.82 -24.14 4.42
CA HIS B 76 11.58 -23.90 5.83
C HIS B 76 10.86 -25.08 6.47
N ALA B 77 10.04 -25.79 5.72
CA ALA B 77 9.20 -26.84 6.28
C ALA B 77 9.91 -28.19 6.41
N LYS B 78 11.22 -28.23 6.13
CA LYS B 78 12.01 -29.46 6.03
C LYS B 78 11.38 -30.45 5.05
N ARG B 79 11.17 -29.98 3.82
CA ARG B 79 10.55 -30.78 2.79
C ARG B 79 11.44 -30.79 1.57
N LYS B 80 11.14 -31.69 0.64
CA LYS B 80 11.94 -31.90 -0.54
C LYS B 80 11.17 -31.67 -1.83
N THR B 81 9.85 -31.56 -1.78
CA THR B 81 9.07 -31.32 -2.97
C THR B 81 8.33 -29.99 -2.86
N VAL B 82 7.88 -29.50 -4.01
CA VAL B 82 7.22 -28.21 -4.10
C VAL B 82 5.74 -28.44 -4.32
N THR B 83 4.93 -28.11 -3.32
CA THR B 83 3.49 -28.24 -3.45
C THR B 83 2.93 -27.04 -4.21
N ALA B 84 1.62 -27.08 -4.46
CA ALA B 84 0.98 -25.92 -5.05
C ALA B 84 0.61 -24.88 -4.01
N MET B 85 0.48 -25.30 -2.75
CA MET B 85 0.15 -24.37 -1.68
C MET B 85 1.28 -23.36 -1.45
N ASP B 86 2.52 -23.80 -1.63
CA ASP B 86 3.63 -22.88 -1.48
C ASP B 86 3.75 -21.93 -2.67
N VAL B 87 3.36 -22.37 -3.86
CA VAL B 87 3.31 -21.45 -5.00
C VAL B 87 2.20 -20.41 -4.78
N VAL B 88 1.08 -20.84 -4.19
CA VAL B 88 0.00 -19.91 -3.86
C VAL B 88 0.45 -18.88 -2.82
N TYR B 89 1.20 -19.32 -1.81
CA TYR B 89 1.72 -18.39 -0.82
C TYR B 89 2.76 -17.44 -1.41
N ALA B 90 3.57 -17.94 -2.34
CA ALA B 90 4.58 -17.10 -2.99
C ALA B 90 3.93 -16.05 -3.86
N LEU B 91 2.82 -16.38 -4.51
CA LEU B 91 2.10 -15.38 -5.27
C LEU B 91 1.29 -14.46 -4.37
N LYS B 92 0.94 -14.90 -3.17
CA LYS B 92 0.30 -14.01 -2.20
C LYS B 92 1.27 -12.98 -1.68
N ARG B 93 2.53 -13.36 -1.50
CA ARG B 93 3.52 -12.42 -0.97
C ARG B 93 3.89 -11.36 -2.00
N GLN B 94 3.77 -11.67 -3.28
CA GLN B 94 3.97 -10.66 -4.32
C GLN B 94 2.73 -9.82 -4.57
N GLY B 95 1.60 -10.16 -3.95
CA GLY B 95 0.39 -9.39 -4.15
C GLY B 95 -0.42 -9.79 -5.36
N ARG B 96 -0.24 -11.01 -5.87
CA ARG B 96 -1.03 -11.53 -6.97
C ARG B 96 -1.69 -12.82 -6.51
N THR B 97 -2.83 -12.71 -5.83
CA THR B 97 -3.41 -13.87 -5.18
C THR B 97 -4.05 -14.79 -6.21
N LEU B 98 -3.83 -16.10 -6.03
CA LEU B 98 -4.38 -17.11 -6.92
C LEU B 98 -5.53 -17.82 -6.24
N TYR B 99 -6.67 -17.87 -6.91
CA TYR B 99 -7.83 -18.59 -6.44
C TYR B 99 -7.92 -19.94 -7.13
N GLY B 100 -8.14 -20.99 -6.35
CA GLY B 100 -8.44 -22.29 -6.91
C GLY B 100 -7.63 -23.46 -6.42
N PHE B 101 -6.77 -23.27 -5.42
CA PHE B 101 -5.90 -24.36 -4.99
C PHE B 101 -5.89 -24.54 -3.48
N GLY B 102 -6.79 -23.87 -2.77
CA GLY B 102 -6.91 -24.06 -1.35
C GLY B 102 -6.68 -22.80 -0.55
N LYS C 35 27.72 -10.33 39.29
CA LYS C 35 27.54 -9.31 38.26
C LYS C 35 26.86 -9.89 37.04
N ALA C 36 25.86 -9.17 36.53
CA ALA C 36 25.10 -9.66 35.38
C ALA C 36 25.10 -8.61 34.28
N LYS C 37 25.10 -9.08 33.04
CA LYS C 37 25.27 -8.22 31.87
C LYS C 37 24.01 -8.31 31.01
N THR C 38 23.69 -7.21 30.33
CA THR C 38 22.41 -7.10 29.62
C THR C 38 22.37 -7.99 28.40
N ARG C 39 21.15 -8.30 27.95
CA ARG C 39 20.98 -9.15 26.79
C ARG C 39 21.30 -8.42 25.50
N SER C 40 21.20 -7.09 25.50
CA SER C 40 21.56 -6.34 24.31
C SER C 40 23.05 -6.39 24.05
N SER C 41 23.86 -6.38 25.09
CA SER C 41 25.30 -6.52 24.94
C SER C 41 25.79 -7.95 25.12
N ARG C 42 24.90 -8.88 25.51
CA ARG C 42 25.24 -10.30 25.40
C ARG C 42 25.45 -10.69 23.95
N ALA C 43 24.57 -10.22 23.07
CA ALA C 43 24.77 -10.32 21.63
C ALA C 43 25.77 -9.29 21.11
N GLY C 44 26.18 -8.34 21.95
CA GLY C 44 27.04 -7.28 21.49
C GLY C 44 26.35 -6.29 20.58
N LEU C 45 25.17 -5.83 20.97
CA LEU C 45 24.37 -4.95 20.12
C LEU C 45 23.95 -3.72 20.90
N GLN C 46 23.16 -2.87 20.24
CA GLN C 46 22.63 -1.66 20.84
C GLN C 46 21.13 -1.73 21.07
N PHE C 47 20.38 -2.38 20.17
CA PHE C 47 18.95 -2.50 20.31
C PHE C 47 18.61 -3.42 21.47
N PRO C 48 17.57 -3.11 22.25
CA PRO C 48 17.27 -3.91 23.44
C PRO C 48 16.55 -5.20 23.06
N VAL C 49 17.12 -6.32 23.51
CA VAL C 49 16.51 -7.62 23.23
C VAL C 49 15.20 -7.75 23.98
N GLY C 50 15.12 -7.19 25.19
CA GLY C 50 13.91 -7.29 25.98
C GLY C 50 12.72 -6.56 25.39
N ARG C 51 12.97 -5.41 24.75
CA ARG C 51 11.86 -4.66 24.18
C ARG C 51 11.33 -5.31 22.92
N VAL C 52 12.21 -5.88 22.09
CA VAL C 52 11.74 -6.56 20.89
C VAL C 52 11.09 -7.90 21.26
N HIS C 53 11.56 -8.52 22.34
CA HIS C 53 10.88 -9.69 22.89
C HIS C 53 9.48 -9.35 23.39
N ARG C 54 9.35 -8.21 24.07
CA ARG C 54 8.04 -7.79 24.57
C ARG C 54 7.11 -7.39 23.43
N LEU C 55 7.66 -6.80 22.37
CA LEU C 55 6.83 -6.43 21.23
C LEU C 55 6.44 -7.64 20.41
N LEU C 56 7.28 -8.68 20.38
CA LEU C 56 6.89 -9.92 19.74
C LEU C 56 5.83 -10.65 20.55
N ARG C 57 5.88 -10.54 21.88
CA ARG C 57 4.86 -11.16 22.70
C ARG C 57 3.52 -10.46 22.56
N LYS C 58 3.48 -9.15 22.88
CA LYS C 58 2.23 -8.42 22.89
C LYS C 58 1.80 -7.98 21.50
N GLY C 59 2.63 -8.23 20.49
CA GLY C 59 2.21 -7.95 19.12
C GLY C 59 1.29 -8.98 18.54
N ASN C 60 1.07 -10.10 19.25
CA ASN C 60 0.20 -11.21 18.86
C ASN C 60 0.57 -11.80 17.51
N TYR C 61 1.75 -12.42 17.45
CA TYR C 61 2.18 -13.07 16.22
C TYR C 61 2.14 -14.59 16.37
N SER C 62 2.32 -15.10 17.57
CA SER C 62 2.21 -16.51 17.87
C SER C 62 1.88 -16.63 19.34
N GLU C 63 1.70 -17.87 19.81
CA GLU C 63 1.53 -18.08 21.24
C GLU C 63 2.87 -18.08 21.96
N ARG C 64 3.84 -18.77 21.40
CA ARG C 64 5.19 -18.83 21.95
C ARG C 64 6.14 -18.11 21.00
N VAL C 65 7.30 -17.72 21.52
CA VAL C 65 8.35 -17.14 20.69
C VAL C 65 9.70 -17.62 21.20
N GLY C 66 10.58 -18.01 20.28
CA GLY C 66 11.87 -18.55 20.65
C GLY C 66 12.82 -17.49 21.16
N ALA C 67 13.78 -17.90 21.99
CA ALA C 67 14.72 -16.95 22.56
C ALA C 67 15.71 -16.43 21.54
N GLY C 68 15.97 -17.18 20.47
CA GLY C 68 16.80 -16.66 19.40
C GLY C 68 16.10 -15.67 18.51
N ALA C 69 14.77 -15.62 18.57
CA ALA C 69 14.02 -14.69 17.72
C ALA C 69 14.29 -13.22 18.02
N PRO C 70 14.23 -12.72 19.28
CA PRO C 70 14.52 -11.29 19.46
C PRO C 70 15.97 -10.94 19.23
N VAL C 71 16.90 -11.86 19.51
CA VAL C 71 18.31 -11.59 19.25
C VAL C 71 18.56 -11.48 17.76
N TYR C 72 18.00 -12.39 16.97
CA TYR C 72 18.11 -12.32 15.52
C TYR C 72 17.43 -11.07 14.98
N LEU C 73 16.28 -10.70 15.55
CA LEU C 73 15.54 -9.56 15.03
C LEU C 73 16.21 -8.25 15.38
N ALA C 74 16.77 -8.16 16.59
CA ALA C 74 17.56 -6.99 16.95
C ALA C 74 18.82 -6.89 16.12
N ALA C 75 19.41 -8.04 15.75
CA ALA C 75 20.58 -8.03 14.88
C ALA C 75 20.27 -7.49 13.51
N VAL C 76 19.21 -8.00 12.88
CA VAL C 76 18.89 -7.54 11.53
C VAL C 76 18.39 -6.11 11.57
N LEU C 77 17.74 -5.71 12.66
CA LEU C 77 17.29 -4.32 12.80
C LEU C 77 18.47 -3.37 12.95
N GLU C 78 19.42 -3.71 13.83
CA GLU C 78 20.59 -2.87 14.08
C GLU C 78 21.45 -2.78 12.83
N TYR C 79 21.58 -3.88 12.10
CA TYR C 79 22.31 -3.83 10.83
C TYR C 79 21.58 -2.98 9.81
N LEU C 80 20.25 -2.99 9.84
CA LEU C 80 19.49 -2.23 8.85
C LEU C 80 19.60 -0.74 9.09
N THR C 81 19.40 -0.28 10.32
CA THR C 81 19.62 1.15 10.56
C THR C 81 21.08 1.53 10.52
N ALA C 82 22.01 0.59 10.71
CA ALA C 82 23.40 0.91 10.44
C ALA C 82 23.62 1.19 8.96
N GLU C 83 22.99 0.41 8.09
CA GLU C 83 23.08 0.64 6.66
C GLU C 83 22.40 1.94 6.25
N ILE C 84 21.33 2.33 6.95
CA ILE C 84 20.70 3.61 6.66
C ILE C 84 21.58 4.76 7.13
N LEU C 85 22.07 4.70 8.38
CA LEU C 85 22.77 5.83 8.95
C LEU C 85 24.16 6.00 8.36
N GLU C 86 24.78 4.92 7.86
CA GLU C 86 26.08 5.08 7.20
C GLU C 86 25.94 5.82 5.89
N LEU C 87 24.95 5.44 5.08
CA LEU C 87 24.70 6.16 3.83
C LEU C 87 24.17 7.57 4.09
N ALA C 88 23.44 7.77 5.18
CA ALA C 88 22.97 9.10 5.52
C ALA C 88 24.11 10.02 5.95
N GLY C 89 25.04 9.49 6.74
CA GLY C 89 26.21 10.26 7.13
C GLY C 89 27.12 10.57 5.98
N ASN C 90 27.26 9.62 5.04
CA ASN C 90 28.05 9.90 3.85
C ASN C 90 27.36 10.92 2.94
N ALA C 91 26.02 10.95 2.93
CA ALA C 91 25.33 11.97 2.15
C ALA C 91 25.46 13.34 2.80
N ALA C 92 25.36 13.40 4.12
CA ALA C 92 25.42 14.68 4.82
C ALA C 92 26.85 15.23 4.83
N ARG C 93 27.84 14.36 4.93
CA ARG C 93 29.23 14.79 4.81
C ARG C 93 29.57 15.12 3.37
N ASP C 94 28.87 14.51 2.41
CA ASP C 94 29.06 14.83 1.01
C ASP C 94 28.45 16.18 0.64
N ASN C 95 27.45 16.63 1.39
CA ASN C 95 26.79 17.90 1.17
C ASN C 95 27.42 19.03 1.98
N LYS C 96 28.51 18.73 2.71
CA LYS C 96 29.19 19.63 3.64
C LYS C 96 28.22 20.17 4.70
N LYS C 97 27.38 19.28 5.21
CA LYS C 97 26.53 19.55 6.36
C LYS C 97 26.97 18.67 7.51
N THR C 98 26.48 18.99 8.71
CA THR C 98 26.83 18.24 9.91
C THR C 98 25.62 17.64 10.59
N ARG C 99 24.44 17.74 10.00
CA ARG C 99 23.22 17.20 10.57
C ARG C 99 22.58 16.27 9.57
N ILE C 100 21.80 15.30 10.06
CA ILE C 100 21.02 14.43 9.20
C ILE C 100 19.60 15.00 9.18
N ILE C 101 19.27 15.67 8.08
CA ILE C 101 17.90 16.09 7.82
C ILE C 101 17.29 15.00 6.93
N PRO C 102 15.97 14.84 6.88
CA PRO C 102 15.38 13.77 6.05
C PRO C 102 15.60 13.90 4.56
N ARG C 103 16.06 15.05 4.05
CA ARG C 103 16.50 15.09 2.66
C ARG C 103 17.68 14.16 2.44
N HIS C 104 18.54 14.03 3.45
CA HIS C 104 19.65 13.08 3.38
C HIS C 104 19.16 11.63 3.45
N LEU C 105 18.11 11.37 4.24
CA LEU C 105 17.57 10.02 4.30
C LEU C 105 16.91 9.63 2.98
N GLN C 106 16.17 10.56 2.38
CA GLN C 106 15.54 10.30 1.09
C GLN C 106 16.59 10.12 -0.01
N LEU C 107 17.67 10.91 0.04
CA LEU C 107 18.76 10.73 -0.91
C LEU C 107 19.45 9.38 -0.74
N ALA C 108 19.72 8.98 0.50
CA ALA C 108 20.42 7.73 0.75
C ALA C 108 19.56 6.52 0.42
N ILE C 109 18.24 6.66 0.52
CA ILE C 109 17.38 5.52 0.20
C ILE C 109 17.13 5.43 -1.30
N ARG C 110 16.86 6.56 -1.95
CA ARG C 110 16.52 6.53 -3.37
C ARG C 110 17.73 6.30 -4.26
N ASN C 111 18.94 6.65 -3.80
CA ASN C 111 20.12 6.43 -4.62
C ASN C 111 20.54 4.97 -4.60
N ASP C 112 20.17 4.23 -3.57
CA ASP C 112 20.56 2.84 -3.44
C ASP C 112 19.71 1.97 -4.37
N GLU C 113 20.15 0.74 -4.58
CA GLU C 113 19.39 -0.22 -5.38
C GLU C 113 18.57 -1.16 -4.51
N GLU C 114 19.20 -1.81 -3.55
CA GLU C 114 18.52 -2.85 -2.78
C GLU C 114 17.87 -2.31 -1.51
N LEU C 115 18.08 -1.04 -1.20
CA LEU C 115 17.21 -0.38 -0.22
C LEU C 115 16.02 0.28 -0.89
N ASN C 116 16.12 0.55 -2.19
CA ASN C 116 14.99 1.09 -2.92
C ASN C 116 13.90 0.05 -3.14
N LYS C 117 14.27 -1.23 -3.22
CA LYS C 117 13.26 -2.28 -3.31
C LYS C 117 12.59 -2.53 -1.96
N LEU C 118 13.30 -2.25 -0.88
CA LEU C 118 12.72 -2.45 0.44
C LEU C 118 11.75 -1.32 0.77
N LEU C 119 12.07 -0.11 0.34
CA LEU C 119 11.29 1.09 0.65
C LEU C 119 10.80 1.77 -0.62
N GLY C 120 10.22 1.00 -1.54
CA GLY C 120 9.76 1.60 -2.79
C GLY C 120 8.42 2.28 -2.65
N ARG C 121 7.52 1.69 -1.86
CA ARG C 121 6.18 2.26 -1.72
C ARG C 121 6.17 3.35 -0.65
N VAL C 122 7.07 3.28 0.31
CA VAL C 122 7.09 4.25 1.40
C VAL C 122 7.60 5.59 0.92
N THR C 123 6.86 6.65 1.21
CA THR C 123 7.32 8.01 1.00
C THR C 123 7.79 8.61 2.31
N ILE C 124 8.57 9.69 2.22
CA ILE C 124 9.31 10.23 3.35
C ILE C 124 8.86 11.66 3.60
N ALA C 125 8.55 11.96 4.87
CA ALA C 125 8.08 13.29 5.23
C ALA C 125 9.19 14.32 5.12
N GLN C 126 8.88 15.43 4.45
CA GLN C 126 9.81 16.55 4.18
C GLN C 126 11.06 16.08 3.46
N GLY C 127 10.92 15.11 2.57
CA GLY C 127 12.07 14.47 1.98
C GLY C 127 12.44 14.97 0.61
N GLY C 128 11.44 15.41 -0.16
CA GLY C 128 11.73 15.76 -1.53
C GLY C 128 11.92 14.52 -2.38
N VAL C 129 12.39 14.74 -3.60
CA VAL C 129 12.61 13.66 -4.56
C VAL C 129 14.09 13.55 -4.85
N LEU C 130 14.45 12.44 -5.46
CA LEU C 130 15.79 12.29 -5.99
C LEU C 130 15.95 13.15 -7.23
N PRO C 131 16.90 14.08 -7.25
CA PRO C 131 17.01 15.01 -8.37
C PRO C 131 17.53 14.33 -9.62
N ASN C 132 16.64 14.06 -10.56
CA ASN C 132 17.04 13.46 -11.83
C ASN C 132 16.03 13.96 -12.85
N ILE C 133 16.56 14.41 -13.98
CA ILE C 133 15.77 15.00 -15.05
C ILE C 133 15.98 14.13 -16.28
N GLN C 134 14.88 13.87 -16.99
CA GLN C 134 14.92 13.04 -18.20
C GLN C 134 15.74 13.72 -19.29
N ALA C 135 16.49 12.91 -20.03
CA ALA C 135 17.50 13.45 -20.94
C ALA C 135 16.90 14.11 -22.18
N VAL C 136 15.64 13.81 -22.52
CA VAL C 136 15.03 14.44 -23.68
C VAL C 136 14.48 15.83 -23.35
N LEU C 137 14.17 16.10 -22.07
CA LEU C 137 13.76 17.44 -21.68
C LEU C 137 14.93 18.41 -21.73
N LEU C 138 16.13 17.94 -21.43
CA LEU C 138 17.30 18.79 -21.42
C LEU C 138 17.67 19.21 -22.84
N PRO C 139 18.16 20.43 -23.02
CA PRO C 139 18.62 20.86 -24.34
C PRO C 139 19.94 20.18 -24.71
N LYS C 140 20.30 20.33 -25.97
CA LYS C 140 21.51 19.67 -26.49
C LYS C 140 22.75 20.53 -26.27
N LYS D 31 5.59 14.03 34.36
CA LYS D 31 4.59 13.21 35.00
C LYS D 31 3.53 12.92 33.90
N ARG D 32 3.78 13.50 32.71
CA ARG D 32 3.31 12.94 31.46
C ARG D 32 3.76 11.49 31.31
N SER D 33 2.94 10.67 30.66
CA SER D 33 3.40 9.34 30.32
C SER D 33 4.35 9.41 29.14
N ARG D 34 5.35 8.52 29.14
CA ARG D 34 6.47 8.61 28.22
C ARG D 34 6.20 7.83 26.94
N LYS D 35 6.56 8.44 25.82
CA LYS D 35 6.49 7.79 24.51
C LYS D 35 7.56 6.72 24.40
N GLU D 36 7.14 5.47 24.32
CA GLU D 36 8.10 4.38 24.16
C GLU D 36 8.55 4.31 22.70
N SER D 37 9.82 4.58 22.46
CA SER D 37 10.31 4.70 21.10
C SER D 37 11.77 4.28 21.05
N TYR D 38 12.30 4.16 19.84
CA TYR D 38 13.66 3.68 19.59
C TYR D 38 14.62 4.83 19.35
N SER D 39 14.44 5.95 20.04
CA SER D 39 15.16 7.16 19.66
C SER D 39 16.61 7.15 20.15
N VAL D 40 16.87 6.53 21.29
CA VAL D 40 18.22 6.53 21.84
C VAL D 40 19.14 5.59 21.07
N TYR D 41 18.62 4.43 20.66
CA TYR D 41 19.45 3.40 20.06
C TYR D 41 19.83 3.72 18.63
N VAL D 42 19.00 4.46 17.91
CA VAL D 42 19.41 4.96 16.60
C VAL D 42 20.57 5.94 16.76
N TYR D 43 20.55 6.76 17.82
CA TYR D 43 21.67 7.66 18.07
C TYR D 43 22.91 6.90 18.52
N LYS D 44 22.74 5.81 19.26
CA LYS D 44 23.88 4.97 19.63
C LYS D 44 24.54 4.34 18.42
N VAL D 45 23.73 3.82 17.50
CA VAL D 45 24.24 3.26 16.25
C VAL D 45 24.90 4.35 15.42
N LEU D 46 24.34 5.56 15.42
CA LEU D 46 24.91 6.66 14.66
C LEU D 46 26.26 7.08 15.23
N LYS D 47 26.40 7.14 16.54
CA LYS D 47 27.69 7.46 17.14
C LYS D 47 28.68 6.32 16.99
N GLN D 48 28.21 5.08 16.83
CA GLN D 48 29.12 3.99 16.47
C GLN D 48 29.62 4.10 15.05
N VAL D 49 28.79 4.58 14.12
CA VAL D 49 29.12 4.51 12.70
C VAL D 49 29.56 5.87 12.15
N HIS D 50 29.20 6.96 12.82
CA HIS D 50 29.50 8.31 12.34
C HIS D 50 29.58 9.26 13.52
N PRO D 51 30.79 9.49 14.05
CA PRO D 51 30.89 10.25 15.30
C PRO D 51 30.73 11.75 15.11
N ASP D 52 31.02 12.27 13.91
CA ASP D 52 31.08 13.72 13.74
C ASP D 52 29.73 14.33 13.40
N THR D 53 28.89 13.66 12.62
CA THR D 53 27.67 14.25 12.11
C THR D 53 26.54 14.08 13.13
N GLY D 54 25.74 15.12 13.31
CA GLY D 54 24.57 15.05 14.15
C GLY D 54 23.35 14.64 13.37
N ILE D 55 22.21 14.61 14.06
CA ILE D 55 20.96 14.19 13.46
C ILE D 55 19.87 15.18 13.90
N SER D 56 18.85 15.32 13.07
CA SER D 56 17.70 16.15 13.43
C SER D 56 16.79 15.42 14.40
N SER D 57 15.67 16.07 14.74
CA SER D 57 14.65 15.39 15.53
C SER D 57 13.64 14.70 14.63
N LYS D 58 13.29 15.35 13.52
CA LYS D 58 12.32 14.77 12.60
C LYS D 58 12.92 13.59 11.82
N ALA D 59 14.24 13.61 11.59
CA ALA D 59 14.90 12.44 11.03
C ALA D 59 14.97 11.31 12.04
N MET D 60 15.07 11.62 13.33
CA MET D 60 14.99 10.59 14.35
C MET D 60 13.59 9.98 14.39
N GLY D 61 12.56 10.80 14.17
CA GLY D 61 11.22 10.27 14.06
C GLY D 61 11.03 9.39 12.83
N ILE D 62 11.68 9.76 11.72
CA ILE D 62 11.65 8.95 10.51
C ILE D 62 12.32 7.61 10.75
N MET D 63 13.46 7.60 11.46
CA MET D 63 14.13 6.36 11.78
C MET D 63 13.30 5.50 12.73
N ASN D 64 12.57 6.14 13.65
CA ASN D 64 11.67 5.39 14.53
C ASN D 64 10.54 4.73 13.76
N SER D 65 9.94 5.47 12.82
CA SER D 65 8.89 4.92 11.98
C SER D 65 9.42 3.81 11.07
N PHE D 66 10.65 3.95 10.59
CA PHE D 66 11.24 2.92 9.73
C PHE D 66 11.51 1.64 10.51
N VAL D 67 12.03 1.77 11.74
CA VAL D 67 12.26 0.62 12.59
C VAL D 67 10.94 -0.10 12.90
N ASN D 68 9.89 0.66 13.18
CA ASN D 68 8.60 0.02 13.44
C ASN D 68 7.99 -0.62 12.20
N ASP D 69 8.16 -0.01 11.02
CA ASP D 69 7.71 -0.61 9.76
C ASP D 69 8.41 -1.92 9.44
N ILE D 70 9.74 -1.95 9.57
CA ILE D 70 10.48 -3.17 9.28
C ILE D 70 10.19 -4.25 10.33
N PHE D 71 9.97 -3.84 11.58
CA PHE D 71 9.57 -4.80 12.61
C PHE D 71 8.22 -5.43 12.29
N GLU D 72 7.26 -4.63 11.82
CA GLU D 72 5.97 -5.19 11.42
C GLU D 72 6.08 -6.13 10.23
N ARG D 73 6.91 -5.78 9.25
CA ARG D 73 7.07 -6.65 8.08
C ARG D 73 7.67 -8.00 8.46
N ILE D 74 8.75 -7.99 9.23
CA ILE D 74 9.43 -9.22 9.58
C ILE D 74 8.59 -10.06 10.54
N ALA D 75 7.92 -9.43 11.50
CA ALA D 75 7.11 -10.20 12.43
C ALA D 75 5.84 -10.73 11.79
N GLY D 76 5.29 -10.01 10.79
CA GLY D 76 4.13 -10.52 10.08
C GLY D 76 4.47 -11.72 9.22
N GLU D 77 5.61 -11.67 8.51
CA GLU D 77 6.02 -12.83 7.74
C GLU D 77 6.39 -14.00 8.65
N ALA D 78 6.98 -13.75 9.81
CA ALA D 78 7.29 -14.84 10.74
C ALA D 78 6.02 -15.46 11.30
N SER D 79 5.00 -14.64 11.55
CA SER D 79 3.74 -15.15 12.06
C SER D 79 3.03 -16.01 11.03
N ARG D 80 2.96 -15.53 9.78
CA ARG D 80 2.27 -16.32 8.77
C ARG D 80 3.07 -17.55 8.35
N LEU D 81 4.39 -17.55 8.51
CA LEU D 81 5.15 -18.77 8.25
C LEU D 81 4.92 -19.79 9.34
N ALA D 82 4.86 -19.36 10.60
CA ALA D 82 4.54 -20.28 11.68
C ALA D 82 3.12 -20.82 11.57
N HIS D 83 2.21 -20.04 10.96
CA HIS D 83 0.87 -20.56 10.75
C HIS D 83 0.81 -21.54 9.58
N TYR D 84 1.57 -21.28 8.51
CA TYR D 84 1.57 -22.17 7.35
C TYR D 84 2.21 -23.51 7.66
N ASN D 85 3.10 -23.56 8.65
CA ASN D 85 3.67 -24.83 9.02
C ASN D 85 3.05 -25.40 10.29
N LYS D 86 2.00 -24.76 10.80
CA LYS D 86 1.32 -25.14 12.04
C LYS D 86 2.28 -25.17 13.22
N ARG D 87 3.16 -24.17 13.27
CA ARG D 87 4.08 -23.99 14.39
C ARG D 87 3.53 -22.95 15.34
N SER D 88 3.43 -23.28 16.63
CA SER D 88 2.95 -22.34 17.62
C SER D 88 4.09 -21.51 18.21
N THR D 89 5.32 -21.75 17.79
CA THR D 89 6.49 -21.06 18.33
C THR D 89 7.26 -20.43 17.18
N ILE D 90 7.50 -19.12 17.27
CA ILE D 90 8.38 -18.44 16.32
C ILE D 90 9.80 -18.50 16.86
N THR D 91 10.64 -19.29 16.23
CA THR D 91 12.05 -19.34 16.56
C THR D 91 12.85 -18.53 15.54
N SER D 92 14.17 -18.65 15.63
CA SER D 92 15.05 -17.84 14.79
C SER D 92 15.03 -18.30 13.34
N ARG D 93 14.58 -19.54 13.10
CA ARG D 93 14.48 -20.04 11.74
C ARG D 93 13.45 -19.28 10.93
N GLU D 94 12.30 -18.97 11.55
CA GLU D 94 11.25 -18.23 10.88
C GLU D 94 11.70 -16.81 10.58
N ILE D 95 12.46 -16.21 11.50
CA ILE D 95 12.99 -14.86 11.28
C ILE D 95 14.01 -14.88 10.15
N GLN D 96 14.83 -15.93 10.10
CA GLN D 96 15.84 -16.06 9.06
C GLN D 96 15.20 -16.24 7.69
N THR D 97 14.15 -17.06 7.63
CA THR D 97 13.43 -17.27 6.38
C THR D 97 12.71 -16.01 5.94
N ALA D 98 12.15 -15.25 6.90
CA ALA D 98 11.47 -14.01 6.55
C ALA D 98 12.45 -12.95 6.09
N VAL D 99 13.65 -12.91 6.67
CA VAL D 99 14.71 -12.03 6.19
C VAL D 99 15.10 -12.39 4.76
N ARG D 100 15.24 -13.69 4.47
CA ARG D 100 15.54 -14.12 3.11
C ARG D 100 14.36 -13.84 2.17
N LEU D 101 13.15 -13.74 2.71
CA LEU D 101 11.99 -13.43 1.88
C LEU D 101 11.94 -11.96 1.51
N LEU D 102 12.04 -11.07 2.49
CA LEU D 102 11.77 -9.65 2.25
C LEU D 102 12.97 -8.93 1.64
N LEU D 103 14.12 -9.02 2.29
CA LEU D 103 15.25 -8.17 1.94
C LEU D 103 15.93 -8.68 0.68
N PRO D 104 16.01 -7.88 -0.37
CA PRO D 104 16.55 -8.38 -1.65
C PRO D 104 18.05 -8.18 -1.77
N GLY D 105 18.66 -9.01 -2.60
CA GLY D 105 20.06 -8.83 -2.94
C GLY D 105 20.98 -9.30 -1.84
N GLU D 106 22.13 -8.62 -1.71
CA GLU D 106 23.14 -9.00 -0.74
C GLU D 106 22.73 -8.65 0.68
N LEU D 107 21.72 -7.77 0.84
CA LEU D 107 21.19 -7.42 2.14
C LEU D 107 20.69 -8.63 2.90
N ALA D 108 20.13 -9.62 2.19
CA ALA D 108 19.63 -10.84 2.80
C ALA D 108 20.75 -11.62 3.47
N LYS D 109 21.80 -11.95 2.72
CA LYS D 109 22.87 -12.77 3.29
C LYS D 109 23.72 -11.99 4.29
N HIS D 110 23.85 -10.67 4.09
CA HIS D 110 24.53 -9.86 5.10
C HIS D 110 23.77 -9.84 6.41
N ALA D 111 22.45 -9.69 6.34
CA ALA D 111 21.61 -9.70 7.53
C ALA D 111 21.61 -11.06 8.20
N VAL D 112 21.63 -12.15 7.42
CA VAL D 112 21.68 -13.48 8.00
C VAL D 112 23.01 -13.73 8.68
N SER D 113 24.12 -13.25 8.10
CA SER D 113 25.42 -13.40 8.74
C SER D 113 25.49 -12.60 10.04
N GLU D 114 24.92 -11.38 10.04
CA GLU D 114 24.84 -10.59 11.25
C GLU D 114 23.97 -11.28 12.31
N GLY D 115 22.87 -11.87 11.88
CA GLY D 115 21.97 -12.52 12.82
C GLY D 115 22.60 -13.75 13.46
N THR D 116 23.19 -14.63 12.64
CA THR D 116 23.85 -15.82 13.17
C THR D 116 25.05 -15.47 14.03
N LYS D 117 25.76 -14.38 13.70
CA LYS D 117 26.79 -13.87 14.59
C LYS D 117 26.20 -13.48 15.93
N ALA D 118 25.00 -12.89 15.91
CA ALA D 118 24.37 -12.46 17.16
C ALA D 118 23.92 -13.65 18.01
N VAL D 119 23.34 -14.70 17.39
CA VAL D 119 22.92 -15.81 18.25
C VAL D 119 24.11 -16.65 18.68
N THR D 120 25.19 -16.69 17.90
CA THR D 120 26.38 -17.38 18.39
C THR D 120 27.03 -16.61 19.53
N LYS D 121 26.99 -15.27 19.46
CA LYS D 121 27.42 -14.46 20.59
C LYS D 121 26.53 -14.68 21.80
N TYR D 122 25.22 -14.76 21.60
CA TYR D 122 24.30 -14.87 22.73
C TYR D 122 24.34 -16.26 23.35
N THR D 123 24.67 -17.28 22.55
CA THR D 123 24.70 -18.63 23.07
C THR D 123 26.09 -18.99 23.61
N SER D 124 27.14 -18.35 23.11
CA SER D 124 28.47 -18.62 23.64
C SER D 124 28.64 -18.06 25.04
N ALA D 125 27.98 -16.95 25.34
CA ALA D 125 28.04 -16.34 26.65
C ALA D 125 27.15 -17.09 27.64
N PRO E 39 14.70 44.70 -24.65
CA PRO E 39 14.44 43.70 -23.61
C PRO E 39 15.07 42.35 -23.93
N HIS E 40 15.39 41.57 -22.89
CA HIS E 40 16.02 40.27 -23.05
C HIS E 40 15.21 39.24 -22.25
N ARG E 41 14.17 38.71 -22.89
CA ARG E 41 13.38 37.65 -22.27
C ARG E 41 14.08 36.31 -22.47
N TYR E 42 13.95 35.43 -21.49
CA TYR E 42 14.57 34.12 -21.58
C TYR E 42 13.85 33.25 -22.60
N ARG E 43 14.53 32.20 -23.03
CA ARG E 43 13.94 31.24 -23.95
C ARG E 43 12.84 30.45 -23.24
N PRO E 44 11.82 29.99 -23.98
CA PRO E 44 10.73 29.24 -23.32
C PRO E 44 11.20 27.88 -22.84
N GLY E 45 11.23 27.72 -21.52
CA GLY E 45 11.67 26.49 -20.92
C GLY E 45 12.95 26.59 -20.12
N THR E 46 13.78 27.61 -20.38
CA THR E 46 15.03 27.74 -19.63
C THR E 46 14.76 28.13 -18.20
N VAL E 47 13.83 29.06 -17.99
CA VAL E 47 13.34 29.34 -16.65
C VAL E 47 12.65 28.12 -16.06
N ALA E 48 11.93 27.36 -16.88
CA ALA E 48 11.31 26.12 -16.42
C ALA E 48 12.35 25.10 -15.99
N LEU E 49 13.48 25.05 -16.69
CA LEU E 49 14.56 24.14 -16.29
C LEU E 49 15.21 24.58 -15.00
N ARG E 50 15.44 25.89 -14.84
CA ARG E 50 15.98 26.40 -13.59
C ARG E 50 15.03 26.15 -12.43
N GLU E 51 13.72 26.26 -12.68
CA GLU E 51 12.77 25.94 -11.63
C GLU E 51 12.71 24.44 -11.37
N ILE E 52 12.95 23.61 -12.40
CA ILE E 52 13.02 22.17 -12.21
C ILE E 52 14.15 21.81 -11.26
N ARG E 53 15.35 22.36 -11.52
CA ARG E 53 16.50 22.06 -10.67
C ARG E 53 16.35 22.70 -9.30
N ARG E 54 15.71 23.86 -9.21
CA ARG E 54 15.53 24.52 -7.93
C ARG E 54 14.53 23.78 -7.06
N TYR E 55 13.38 23.41 -7.61
CA TYR E 55 12.37 22.73 -6.83
C TYR E 55 12.74 21.28 -6.53
N GLN E 56 13.57 20.66 -7.39
CA GLN E 56 14.05 19.33 -7.07
C GLN E 56 15.16 19.37 -6.04
N LYS E 57 15.98 20.42 -6.04
CA LYS E 57 16.93 20.60 -4.95
C LYS E 57 16.25 21.03 -3.67
N SER E 58 15.05 21.59 -3.75
CA SER E 58 14.32 22.03 -2.58
C SER E 58 13.48 20.91 -2.02
N THR E 59 13.25 20.97 -0.71
CA THR E 59 12.39 20.01 -0.02
C THR E 59 11.17 20.66 0.59
N GLU E 60 10.83 21.88 0.16
CA GLU E 60 9.76 22.66 0.78
C GLU E 60 8.39 22.11 0.39
N LEU E 61 7.38 22.53 1.15
CA LEU E 61 6.00 22.19 0.83
C LEU E 61 5.46 23.19 -0.19
N LEU E 62 4.95 22.68 -1.30
CA LEU E 62 4.55 23.53 -2.41
C LEU E 62 3.06 23.89 -2.39
N ILE E 63 2.34 23.47 -1.37
CA ILE E 63 0.92 23.81 -1.19
C ILE E 63 0.80 24.65 0.06
N ARG E 64 0.14 25.80 -0.06
CA ARG E 64 -0.06 26.68 1.08
C ARG E 64 -0.99 26.02 2.09
N LYS E 65 -0.73 26.30 3.37
CA LYS E 65 -1.36 25.51 4.43
C LYS E 65 -2.83 25.87 4.62
N LEU E 66 -3.17 27.16 4.55
CA LEU E 66 -4.56 27.58 4.73
C LEU E 66 -5.52 27.07 3.65
N PRO E 67 -5.23 27.15 2.33
CA PRO E 67 -6.21 26.60 1.37
C PRO E 67 -6.33 25.09 1.44
N PHE E 68 -5.26 24.38 1.77
CA PHE E 68 -5.37 22.94 1.94
C PHE E 68 -6.19 22.59 3.17
N GLN E 69 -6.06 23.40 4.24
CA GLN E 69 -6.92 23.22 5.40
C GLN E 69 -8.38 23.44 5.05
N ARG E 70 -8.65 24.46 4.23
CA ARG E 70 -10.01 24.74 3.82
C ARG E 70 -10.57 23.61 2.96
N LEU E 71 -9.75 23.07 2.06
CA LEU E 71 -10.20 21.98 1.19
C LEU E 71 -10.47 20.71 1.99
N VAL E 72 -9.60 20.38 2.96
CA VAL E 72 -9.79 19.18 3.76
C VAL E 72 -11.02 19.31 4.64
N ARG E 73 -11.22 20.48 5.25
CA ARG E 73 -12.42 20.62 6.06
C ARG E 73 -13.67 20.91 5.23
N GLU E 74 -13.53 21.11 3.92
CA GLU E 74 -14.66 21.20 3.02
C GLU E 74 -15.10 19.83 2.50
N ILE E 75 -14.15 18.94 2.25
CA ILE E 75 -14.50 17.60 1.78
C ILE E 75 -15.01 16.73 2.93
N ALA E 76 -14.32 16.77 4.08
CA ALA E 76 -14.61 15.86 5.19
C ALA E 76 -15.92 16.14 5.89
N GLN E 77 -16.56 17.29 5.65
CA GLN E 77 -17.90 17.51 6.19
C GLN E 77 -18.93 16.61 5.54
N ASP E 78 -18.70 16.22 4.28
CA ASP E 78 -19.64 15.39 3.54
C ASP E 78 -19.73 13.99 4.10
N PHE E 79 -18.68 13.51 4.78
CA PHE E 79 -18.71 12.19 5.38
C PHE E 79 -19.19 12.23 6.82
N LYS E 80 -18.83 13.27 7.57
CA LYS E 80 -19.34 13.45 8.92
C LYS E 80 -19.19 14.92 9.28
N THR E 81 -20.15 15.44 10.03
CA THR E 81 -20.09 16.84 10.44
C THR E 81 -19.38 16.98 11.79
N ASP E 82 -18.95 18.21 12.07
CA ASP E 82 -18.19 18.60 13.27
C ASP E 82 -16.91 17.77 13.39
N LEU E 83 -16.04 17.94 12.41
CA LEU E 83 -14.79 17.20 12.30
C LEU E 83 -13.63 18.19 12.29
N ARG E 84 -13.16 18.57 13.47
CA ARG E 84 -11.93 19.33 13.55
C ARG E 84 -10.75 18.43 13.25
N PHE E 85 -9.66 19.04 12.80
CA PHE E 85 -8.46 18.31 12.41
C PHE E 85 -7.29 18.81 13.24
N GLN E 86 -6.40 17.91 13.61
CA GLN E 86 -5.12 18.35 14.16
C GLN E 86 -4.29 18.94 13.03
N SER E 87 -3.38 19.85 13.40
CA SER E 87 -2.54 20.49 12.38
C SER E 87 -1.55 19.51 11.79
N SER E 88 -1.09 18.55 12.59
CA SER E 88 -0.24 17.49 12.08
C SER E 88 -0.97 16.61 11.09
N ALA E 89 -2.28 16.42 11.26
CA ALA E 89 -3.05 15.60 10.34
C ALA E 89 -3.19 16.26 8.98
N VAL E 90 -3.46 17.56 8.95
CA VAL E 90 -3.59 18.22 7.66
C VAL E 90 -2.20 18.42 7.03
N MET E 91 -1.15 18.52 7.85
CA MET E 91 0.20 18.53 7.30
C MET E 91 0.55 17.18 6.68
N ALA E 92 0.12 16.09 7.30
CA ALA E 92 0.37 14.77 6.77
C ALA E 92 -0.41 14.56 5.47
N LEU E 93 -1.64 15.06 5.42
CA LEU E 93 -2.43 14.95 4.20
C LEU E 93 -1.80 15.77 3.07
N GLN E 94 -1.27 16.94 3.38
CA GLN E 94 -0.62 17.76 2.37
C GLN E 94 0.67 17.12 1.88
N GLU E 95 1.44 16.53 2.80
CA GLU E 95 2.68 15.86 2.44
C GLU E 95 2.43 14.63 1.58
N ALA E 96 1.43 13.83 1.95
CA ALA E 96 1.12 12.63 1.18
C ALA E 96 0.50 12.96 -0.16
N SER E 97 -0.31 14.02 -0.24
CA SER E 97 -0.84 14.43 -1.53
C SER E 97 0.27 15.01 -2.41
N GLU E 98 1.24 15.70 -1.81
CA GLU E 98 2.43 16.13 -2.53
C GLU E 98 3.20 14.96 -3.10
N ALA E 99 3.42 13.92 -2.28
CA ALA E 99 4.16 12.74 -2.73
C ALA E 99 3.39 11.99 -3.82
N TYR E 100 2.08 11.82 -3.62
CA TYR E 100 1.25 11.12 -4.59
C TYR E 100 1.18 11.88 -5.91
N LEU E 101 1.15 13.21 -5.85
CA LEU E 101 1.09 13.96 -7.10
C LEU E 101 2.43 14.02 -7.79
N VAL E 102 3.54 14.05 -7.06
CA VAL E 102 4.81 14.04 -7.79
C VAL E 102 5.11 12.66 -8.35
N GLY E 103 4.63 11.59 -7.69
CA GLY E 103 4.71 10.27 -8.31
C GLY E 103 3.84 10.17 -9.55
N LEU E 104 2.61 10.71 -9.47
CA LEU E 104 1.73 10.73 -10.63
C LEU E 104 2.31 11.56 -11.75
N PHE E 105 3.05 12.62 -11.43
CA PHE E 105 3.57 13.49 -12.47
C PHE E 105 4.86 12.97 -13.07
N GLU E 106 5.68 12.23 -12.31
CA GLU E 106 6.81 11.59 -12.97
C GLU E 106 6.35 10.44 -13.85
N ASP E 107 5.31 9.71 -13.45
CA ASP E 107 4.74 8.69 -14.34
C ASP E 107 4.09 9.32 -15.56
N THR E 108 3.46 10.48 -15.36
CA THR E 108 2.82 11.21 -16.44
C THR E 108 3.85 11.70 -17.44
N ASN E 109 4.98 12.20 -16.97
CA ASN E 109 6.01 12.66 -17.88
C ASN E 109 6.70 11.50 -18.57
N LEU E 110 6.80 10.35 -17.91
CA LEU E 110 7.28 9.13 -18.55
C LEU E 110 6.38 8.75 -19.72
N ALA E 111 5.07 8.75 -19.48
CA ALA E 111 4.11 8.41 -20.52
C ALA E 111 4.07 9.46 -21.62
N ALA E 112 4.39 10.70 -21.30
CA ALA E 112 4.36 11.75 -22.31
C ALA E 112 5.62 11.75 -23.16
N ILE E 113 6.78 11.51 -22.54
CA ILE E 113 8.01 11.34 -23.28
C ILE E 113 7.93 10.10 -24.17
N HIS E 114 7.27 9.06 -23.68
CA HIS E 114 7.08 7.84 -24.46
C HIS E 114 6.30 8.09 -25.74
N ALA E 115 5.33 9.00 -25.69
CA ALA E 115 4.52 9.31 -26.86
C ALA E 115 5.10 10.41 -27.73
N LYS E 116 6.39 10.71 -27.57
CA LYS E 116 7.10 11.80 -28.26
C LYS E 116 6.44 13.14 -28.02
N ARG E 117 6.34 13.52 -26.75
CA ARG E 117 5.75 14.80 -26.35
C ARG E 117 6.52 15.33 -25.15
N VAL E 118 6.84 16.62 -25.19
CA VAL E 118 7.49 17.25 -24.04
C VAL E 118 6.44 17.65 -23.01
N THR E 119 5.24 17.98 -23.47
CA THR E 119 4.19 18.52 -22.63
C THR E 119 3.56 17.46 -21.74
N ILE E 120 2.45 17.84 -21.13
CA ILE E 120 1.58 16.92 -20.43
C ILE E 120 0.15 17.22 -20.87
N MET E 121 -0.54 16.21 -21.38
CA MET E 121 -1.95 16.27 -21.71
C MET E 121 -2.68 15.38 -20.74
N PRO E 122 -4.00 15.56 -20.53
CA PRO E 122 -4.69 14.75 -19.52
C PRO E 122 -4.82 13.29 -19.88
N LYS E 123 -4.66 12.92 -21.16
CA LYS E 123 -4.63 11.53 -21.55
C LYS E 123 -3.43 10.80 -20.95
N ASP E 124 -2.32 11.51 -20.74
CA ASP E 124 -1.18 10.94 -20.04
C ASP E 124 -1.51 10.63 -18.58
N ILE E 125 -2.25 11.52 -17.91
CA ILE E 125 -2.67 11.27 -16.53
C ILE E 125 -3.64 10.10 -16.48
N GLN E 126 -4.53 10.02 -17.48
CA GLN E 126 -5.46 8.90 -17.58
C GLN E 126 -4.73 7.57 -17.75
N LEU E 127 -3.73 7.55 -18.63
CA LEU E 127 -2.96 6.33 -18.87
C LEU E 127 -2.13 5.94 -17.65
N ALA E 128 -1.52 6.91 -16.98
CA ALA E 128 -0.71 6.61 -15.81
C ALA E 128 -1.57 6.17 -14.64
N ARG E 129 -2.82 6.61 -14.58
CA ARG E 129 -3.70 6.10 -13.53
C ARG E 129 -4.26 4.74 -13.90
N ARG E 130 -4.43 4.47 -15.19
CA ARG E 130 -5.01 3.20 -15.61
C ARG E 130 -4.00 2.06 -15.47
N ILE E 131 -2.76 2.29 -15.92
CA ILE E 131 -1.73 1.27 -15.87
C ILE E 131 -1.34 0.95 -14.43
N ARG E 132 -1.38 1.96 -13.56
CA ARG E 132 -1.14 1.70 -12.14
C ARG E 132 -2.29 0.97 -11.47
N GLY E 133 -3.43 0.84 -12.13
CA GLY E 133 -4.55 0.11 -11.56
C GLY E 133 -5.27 0.88 -10.48
N GLU E 134 -5.65 2.11 -10.81
CA GLU E 134 -6.38 2.96 -9.89
C GLU E 134 -7.74 3.38 -10.40
N ARG E 135 -8.05 3.15 -11.67
CA ARG E 135 -9.36 3.47 -12.22
C ARG E 135 -10.34 2.32 -11.97
N LEU F 23 -16.44 31.34 0.92
CA LEU F 23 -15.65 30.32 1.60
C LEU F 23 -15.95 28.93 1.05
N ARG F 24 -16.77 28.87 0.00
CA ARG F 24 -17.13 27.61 -0.62
C ARG F 24 -16.31 27.43 -1.89
N ASP F 25 -16.46 26.23 -2.49
CA ASP F 25 -15.68 25.79 -3.66
C ASP F 25 -14.18 25.88 -3.35
N ASN F 26 -13.73 25.00 -2.46
CA ASN F 26 -12.35 25.02 -1.99
C ASN F 26 -11.43 24.12 -2.81
N ILE F 27 -11.91 23.54 -3.90
CA ILE F 27 -10.99 22.88 -4.82
C ILE F 27 -10.24 23.90 -5.66
N GLN F 28 -10.71 25.15 -5.69
CA GLN F 28 -9.89 26.21 -6.22
C GLN F 28 -8.96 26.80 -5.17
N GLY F 29 -8.93 26.23 -3.97
CA GLY F 29 -7.88 26.58 -3.02
C GLY F 29 -6.54 26.03 -3.45
N ILE F 30 -6.53 24.88 -4.11
CA ILE F 30 -5.32 24.35 -4.71
C ILE F 30 -5.07 25.13 -6.00
N THR F 31 -4.24 26.16 -5.91
CA THR F 31 -4.12 27.14 -6.96
C THR F 31 -3.34 26.57 -8.14
N LYS F 32 -3.29 27.36 -9.21
CA LYS F 32 -2.60 27.01 -10.43
C LYS F 32 -1.07 27.15 -10.33
N PRO F 33 -0.48 28.15 -9.65
CA PRO F 33 0.97 28.05 -9.42
C PRO F 33 1.37 26.95 -8.47
N ALA F 34 0.53 26.59 -7.51
CA ALA F 34 0.87 25.53 -6.58
C ALA F 34 0.70 24.14 -7.17
N ILE F 35 0.33 24.03 -8.44
CA ILE F 35 0.28 22.75 -9.15
C ILE F 35 1.42 22.75 -10.14
N ARG F 36 1.75 23.92 -10.68
CA ARG F 36 2.94 24.06 -11.50
C ARG F 36 4.20 23.77 -10.71
N ARG F 37 4.21 24.14 -9.42
CA ARG F 37 5.35 23.78 -8.58
C ARG F 37 5.40 22.28 -8.32
N LEU F 38 4.24 21.64 -8.14
CA LEU F 38 4.18 20.19 -7.95
C LEU F 38 4.67 19.44 -9.17
N ALA F 39 4.39 19.95 -10.35
CA ALA F 39 4.88 19.30 -11.55
C ALA F 39 6.32 19.62 -11.84
N ARG F 40 6.81 20.80 -11.44
CA ARG F 40 8.23 21.09 -11.60
C ARG F 40 9.07 20.25 -10.65
N ARG F 41 8.52 19.88 -9.49
CA ARG F 41 9.22 18.93 -8.63
C ARG F 41 9.29 17.56 -9.30
N GLY F 42 8.23 17.18 -10.01
CA GLY F 42 8.23 15.92 -10.72
C GLY F 42 9.09 15.89 -11.97
N GLY F 43 9.68 17.01 -12.36
CA GLY F 43 10.53 17.02 -13.53
C GLY F 43 9.75 17.13 -14.81
N VAL F 44 8.90 18.15 -14.91
CA VAL F 44 8.05 18.37 -16.07
C VAL F 44 8.43 19.69 -16.71
N LYS F 45 8.73 19.65 -18.01
CA LYS F 45 9.17 20.84 -18.70
C LYS F 45 8.01 21.71 -19.20
N ARG F 46 6.87 21.13 -19.54
CA ARG F 46 5.72 21.88 -20.02
C ARG F 46 4.43 21.26 -19.51
N ILE F 47 3.51 22.10 -19.06
CA ILE F 47 2.20 21.68 -18.58
C ILE F 47 1.15 22.41 -19.41
N SER F 48 0.23 21.66 -20.01
CA SER F 48 -0.83 22.30 -20.77
C SER F 48 -1.89 22.85 -19.82
N GLY F 49 -2.78 23.67 -20.36
CA GLY F 49 -3.77 24.33 -19.53
C GLY F 49 -4.88 23.43 -19.04
N LEU F 50 -5.07 22.29 -19.67
CA LEU F 50 -6.11 21.37 -19.28
C LEU F 50 -5.67 20.41 -18.19
N ILE F 51 -4.56 20.68 -17.51
CA ILE F 51 -4.05 19.71 -16.53
C ILE F 51 -4.56 20.04 -15.14
N TYR F 52 -4.88 21.31 -14.88
CA TYR F 52 -5.10 21.75 -13.52
C TYR F 52 -6.42 21.23 -12.98
N GLU F 53 -7.46 21.22 -13.80
CA GLU F 53 -8.76 20.72 -13.34
C GLU F 53 -8.73 19.20 -13.14
N GLU F 54 -8.02 18.49 -14.02
CA GLU F 54 -7.87 17.03 -13.91
C GLU F 54 -7.07 16.66 -12.68
N THR F 55 -6.00 17.41 -12.40
CA THR F 55 -5.20 17.17 -11.21
C THR F 55 -5.98 17.53 -9.94
N ARG F 56 -6.84 18.54 -10.02
CA ARG F 56 -7.73 18.87 -8.92
C ARG F 56 -8.70 17.74 -8.63
N GLY F 57 -9.26 17.14 -9.68
CA GLY F 57 -10.14 16.00 -9.47
C GLY F 57 -9.43 14.78 -8.92
N VAL F 58 -8.18 14.57 -9.35
CA VAL F 58 -7.38 13.45 -8.86
C VAL F 58 -7.08 13.63 -7.37
N LEU F 59 -6.66 14.84 -6.98
CA LEU F 59 -6.41 15.13 -5.57
C LEU F 59 -7.70 15.03 -4.76
N LYS F 60 -8.83 15.41 -5.37
CA LYS F 60 -10.10 15.36 -4.67
C LYS F 60 -10.50 13.92 -4.36
N VAL F 61 -10.36 13.01 -5.33
CA VAL F 61 -10.77 11.63 -5.07
C VAL F 61 -9.76 10.93 -4.16
N PHE F 62 -8.48 11.33 -4.22
CA PHE F 62 -7.48 10.78 -3.31
C PHE F 62 -7.78 11.17 -1.87
N LEU F 63 -8.07 12.46 -1.64
CA LEU F 63 -8.42 12.90 -0.30
C LEU F 63 -9.74 12.33 0.16
N GLU F 64 -10.66 12.08 -0.77
CA GLU F 64 -11.93 11.45 -0.42
C GLU F 64 -11.71 10.05 0.14
N ASN F 65 -10.84 9.27 -0.51
CA ASN F 65 -10.50 7.93 -0.02
C ASN F 65 -9.84 7.97 1.35
N VAL F 66 -8.76 8.76 1.47
CA VAL F 66 -7.97 8.76 2.71
C VAL F 66 -8.78 9.36 3.86
N ILE F 67 -9.58 10.38 3.57
CA ILE F 67 -10.39 11.03 4.58
C ILE F 67 -11.51 10.10 5.04
N ARG F 68 -12.11 9.35 4.12
CA ARG F 68 -13.17 8.41 4.51
C ARG F 68 -12.62 7.31 5.39
N ASP F 69 -11.42 6.82 5.08
CA ASP F 69 -10.81 5.79 5.92
C ASP F 69 -10.44 6.35 7.29
N ALA F 70 -9.88 7.56 7.35
CA ALA F 70 -9.53 8.16 8.63
C ALA F 70 -10.76 8.52 9.46
N VAL F 71 -11.85 8.89 8.79
CA VAL F 71 -13.10 9.19 9.48
C VAL F 71 -13.68 7.92 10.09
N THR F 72 -13.62 6.80 9.37
CA THR F 72 -14.06 5.53 9.95
C THR F 72 -13.18 5.10 11.11
N TYR F 73 -11.88 5.40 11.02
CA TYR F 73 -10.95 5.14 12.12
C TYR F 73 -11.34 5.92 13.38
N THR F 74 -11.45 7.24 13.24
CA THR F 74 -11.74 8.08 14.39
C THR F 74 -13.18 7.95 14.87
N GLU F 75 -14.07 7.43 14.02
CA GLU F 75 -15.44 7.18 14.43
C GLU F 75 -15.54 5.87 15.19
N HIS F 76 -14.72 4.89 14.83
CA HIS F 76 -14.66 3.66 15.60
C HIS F 76 -14.14 3.90 17.01
N ALA F 77 -13.25 4.87 17.19
CA ALA F 77 -12.76 5.21 18.52
C ALA F 77 -13.59 6.30 19.19
N LYS F 78 -14.67 6.75 18.55
CA LYS F 78 -15.61 7.76 19.05
C LYS F 78 -14.91 9.09 19.35
N ARG F 79 -13.96 9.47 18.49
CA ARG F 79 -13.23 10.72 18.63
C ARG F 79 -13.71 11.70 17.57
N LYS F 80 -14.02 12.92 17.99
CA LYS F 80 -14.54 13.93 17.08
C LYS F 80 -13.45 14.57 16.23
N THR F 81 -12.18 14.43 16.61
CA THR F 81 -11.09 15.00 15.82
C THR F 81 -10.39 13.91 15.04
N VAL F 82 -9.60 14.34 14.07
CA VAL F 82 -8.83 13.46 13.20
C VAL F 82 -7.37 13.64 13.56
N THR F 83 -6.79 12.65 14.25
CA THR F 83 -5.39 12.77 14.61
C THR F 83 -4.49 12.43 13.42
N ALA F 84 -3.18 12.48 13.65
CA ALA F 84 -2.23 12.21 12.59
C ALA F 84 -2.10 10.71 12.34
N MET F 85 -2.18 9.92 13.42
CA MET F 85 -2.04 8.47 13.31
C MET F 85 -3.15 7.85 12.48
N ASP F 86 -4.34 8.43 12.50
CA ASP F 86 -5.43 7.93 11.67
C ASP F 86 -5.14 8.17 10.19
N VAL F 87 -4.46 9.27 9.87
CA VAL F 87 -4.10 9.50 8.48
C VAL F 87 -2.96 8.57 8.06
N VAL F 88 -2.04 8.27 8.99
CA VAL F 88 -0.99 7.28 8.71
C VAL F 88 -1.60 5.91 8.44
N TYR F 89 -2.55 5.49 9.26
CA TYR F 89 -3.16 4.17 9.10
C TYR F 89 -4.04 4.12 7.87
N ALA F 90 -4.65 5.25 7.49
CA ALA F 90 -5.45 5.28 6.28
C ALA F 90 -4.58 5.26 5.04
N LEU F 91 -3.38 5.81 5.12
CA LEU F 91 -2.50 5.79 3.96
C LEU F 91 -1.72 4.49 3.86
N LYS F 92 -1.57 3.78 4.98
CA LYS F 92 -0.85 2.50 4.99
C LYS F 92 -1.61 1.45 4.18
N ARG F 93 -2.93 1.45 4.27
CA ARG F 93 -3.75 0.44 3.64
C ARG F 93 -3.86 0.58 2.14
N GLN F 94 -3.52 1.74 1.59
CA GLN F 94 -3.51 1.93 0.14
C GLN F 94 -2.13 1.71 -0.45
N GLY F 95 -1.19 1.25 0.36
CA GLY F 95 0.14 0.98 -0.13
C GLY F 95 1.09 2.15 -0.12
N ARG F 96 0.76 3.24 0.58
CA ARG F 96 1.63 4.41 0.65
C ARG F 96 1.84 4.78 2.11
N THR F 97 2.84 4.16 2.74
CA THR F 97 3.05 4.40 4.16
C THR F 97 3.81 5.72 4.36
N LEU F 98 3.34 6.52 5.31
CA LEU F 98 4.03 7.74 5.71
C LEU F 98 5.08 7.43 6.77
N TYR F 99 6.30 7.86 6.52
CA TYR F 99 7.29 7.93 7.57
C TYR F 99 7.23 9.26 8.30
N GLY F 100 7.57 9.23 9.58
CA GLY F 100 7.83 10.45 10.31
C GLY F 100 6.76 10.92 11.26
N PHE F 101 5.50 10.53 11.05
CA PHE F 101 4.43 11.05 11.89
C PHE F 101 4.07 10.06 12.99
N GLY F 102 4.99 9.17 13.34
CA GLY F 102 4.78 8.27 14.45
C GLY F 102 4.14 6.96 14.01
N GLY F 103 4.48 5.91 14.74
CA GLY F 103 3.92 4.59 14.49
C GLY F 103 2.97 4.14 15.58
N LYS G 35 -34.84 -29.48 23.67
CA LYS G 35 -34.42 -29.36 22.27
C LYS G 35 -33.57 -28.12 22.06
N ALA G 36 -32.45 -28.27 21.37
CA ALA G 36 -31.55 -27.14 21.16
C ALA G 36 -31.27 -26.98 19.67
N LYS G 37 -31.09 -25.73 19.25
CA LYS G 37 -30.99 -25.37 17.85
C LYS G 37 -29.62 -24.76 17.59
N THR G 38 -29.10 -24.97 16.38
CA THR G 38 -27.72 -24.61 16.08
C THR G 38 -27.52 -23.10 15.99
N ARG G 39 -26.27 -22.67 16.16
CA ARG G 39 -25.97 -21.25 16.12
C ARG G 39 -26.01 -20.71 14.70
N SER G 40 -25.82 -21.57 13.70
CA SER G 40 -25.90 -21.12 12.32
C SER G 40 -27.33 -20.76 11.95
N SER G 41 -28.31 -21.49 12.46
CA SER G 41 -29.70 -21.16 12.23
C SER G 41 -30.32 -20.33 13.35
N ARG G 42 -29.59 -20.12 14.45
CA ARG G 42 -30.00 -19.10 15.42
C ARG G 42 -29.99 -17.73 14.77
N ALA G 43 -28.95 -17.43 14.02
CA ALA G 43 -28.90 -16.25 13.17
C ALA G 43 -29.71 -16.43 11.88
N GLY G 44 -30.19 -17.63 11.61
CA GLY G 44 -30.88 -17.90 10.37
C GLY G 44 -29.97 -17.89 9.16
N LEU G 45 -28.84 -18.58 9.25
CA LEU G 45 -27.85 -18.56 8.19
C LEU G 45 -27.47 -19.99 7.80
N GLN G 46 -26.52 -20.09 6.88
CA GLN G 46 -26.00 -21.37 6.42
C GLN G 46 -24.57 -21.62 6.86
N PHE G 47 -23.75 -20.58 6.91
CA PHE G 47 -22.36 -20.74 7.34
C PHE G 47 -22.30 -21.07 8.82
N PRO G 48 -21.39 -21.94 9.24
CA PRO G 48 -21.36 -22.36 10.65
C PRO G 48 -20.69 -21.31 11.52
N VAL G 49 -21.40 -20.88 12.56
CA VAL G 49 -20.85 -19.89 13.49
C VAL G 49 -19.70 -20.49 14.27
N GLY G 50 -19.79 -21.78 14.61
CA GLY G 50 -18.76 -22.43 15.38
C GLY G 50 -17.43 -22.54 14.65
N ARG G 51 -17.47 -22.77 13.33
CA ARG G 51 -16.23 -22.91 12.59
C ARG G 51 -15.54 -21.56 12.40
N VAL G 52 -16.31 -20.49 12.17
CA VAL G 52 -15.69 -19.18 12.02
C VAL G 52 -15.21 -18.67 13.38
N HIS G 53 -15.91 -19.06 14.45
CA HIS G 53 -15.43 -18.78 15.80
C HIS G 53 -14.12 -19.50 16.08
N ARG G 54 -14.01 -20.77 15.66
CA ARG G 54 -12.78 -21.52 15.87
C ARG G 54 -11.64 -20.98 15.00
N LEU G 55 -11.95 -20.51 13.81
CA LEU G 55 -10.91 -19.95 12.95
C LEU G 55 -10.47 -18.57 13.44
N LEU G 56 -11.38 -17.82 14.07
CA LEU G 56 -10.98 -16.56 14.68
C LEU G 56 -10.13 -16.80 15.92
N ARG G 57 -10.41 -17.88 16.66
CA ARG G 57 -9.59 -18.21 17.82
C ARG G 57 -8.20 -18.66 17.42
N LYS G 58 -8.12 -19.74 16.63
CA LYS G 58 -6.83 -20.32 16.29
C LYS G 58 -6.14 -19.58 15.16
N GLY G 59 -6.79 -18.58 14.57
CA GLY G 59 -6.14 -17.75 13.57
C GLY G 59 -5.20 -16.72 14.16
N ASN G 60 -5.20 -16.57 15.50
CA ASN G 60 -4.36 -15.64 16.25
C ASN G 60 -4.54 -14.19 15.80
N TYR G 61 -5.73 -13.65 16.04
CA TYR G 61 -6.00 -12.26 15.71
C TYR G 61 -6.09 -11.40 16.96
N SER G 62 -6.52 -11.99 18.06
CA SER G 62 -6.56 -11.32 19.34
C SER G 62 -6.49 -12.39 20.41
N GLU G 63 -6.50 -11.97 21.68
CA GLU G 63 -6.58 -12.95 22.76
C GLU G 63 -8.03 -13.38 22.98
N ARG G 64 -8.95 -12.43 23.00
CA ARG G 64 -10.37 -12.69 23.16
C ARG G 64 -11.09 -12.35 21.87
N VAL G 65 -12.28 -12.90 21.70
CA VAL G 65 -13.12 -12.54 20.56
C VAL G 65 -14.58 -12.51 21.01
N GLY G 66 -15.31 -11.48 20.58
CA GLY G 66 -16.69 -11.32 21.02
C GLY G 66 -17.62 -12.31 20.36
N ALA G 67 -18.74 -12.58 21.03
CA ALA G 67 -19.69 -13.56 20.51
C ALA G 67 -20.46 -13.03 19.31
N GLY G 68 -20.57 -11.71 19.16
CA GLY G 68 -21.18 -11.17 17.97
C GLY G 68 -20.27 -11.17 16.77
N ALA G 69 -18.96 -11.37 16.99
CA ALA G 69 -18.01 -11.36 15.88
C ALA G 69 -18.20 -12.53 14.90
N PRO G 70 -18.34 -13.80 15.31
CA PRO G 70 -18.54 -14.83 14.28
C PRO G 70 -19.89 -14.76 13.63
N VAL G 71 -20.92 -14.30 14.35
CA VAL G 71 -22.25 -14.16 13.75
C VAL G 71 -22.23 -13.07 12.68
N TYR G 72 -21.60 -11.93 12.99
CA TYR G 72 -21.45 -10.86 12.01
C TYR G 72 -20.61 -11.31 10.83
N LEU G 73 -19.55 -12.08 11.10
CA LEU G 73 -18.64 -12.46 10.03
C LEU G 73 -19.26 -13.52 9.13
N ALA G 74 -20.01 -14.46 9.72
CA ALA G 74 -20.77 -15.41 8.92
C ALA G 74 -21.86 -14.73 8.12
N ALA G 75 -22.45 -13.66 8.66
CA ALA G 75 -23.46 -12.91 7.93
C ALA G 75 -22.87 -12.23 6.70
N VAL G 76 -21.77 -11.51 6.88
CA VAL G 76 -21.18 -10.80 5.74
C VAL G 76 -20.59 -11.80 4.75
N LEU G 77 -20.10 -12.94 5.24
CA LEU G 77 -19.59 -13.98 4.34
C LEU G 77 -20.69 -14.60 3.52
N GLU G 78 -21.80 -14.97 4.16
CA GLU G 78 -22.92 -15.60 3.47
C GLU G 78 -23.55 -14.63 2.48
N TYR G 79 -23.65 -13.35 2.85
CA TYR G 79 -24.13 -12.35 1.91
C TYR G 79 -23.18 -12.19 0.74
N LEU G 80 -21.88 -12.32 0.98
CA LEU G 80 -20.91 -12.11 -0.08
C LEU G 80 -20.94 -13.23 -1.10
N THR G 81 -20.92 -14.49 -0.64
CA THR G 81 -21.06 -15.56 -1.62
C THR G 81 -22.46 -15.66 -2.19
N ALA G 82 -23.48 -15.11 -1.51
CA ALA G 82 -24.78 -15.00 -2.15
C ALA G 82 -24.73 -14.03 -3.32
N GLU G 83 -24.01 -12.92 -3.15
CA GLU G 83 -23.83 -11.97 -4.25
C GLU G 83 -23.00 -12.55 -5.38
N ILE G 84 -22.04 -13.42 -5.06
CA ILE G 84 -21.28 -14.07 -6.11
C ILE G 84 -22.13 -15.09 -6.86
N LEU G 85 -22.82 -15.96 -6.12
CA LEU G 85 -23.53 -17.07 -6.74
C LEU G 85 -24.78 -16.60 -7.47
N GLU G 86 -25.38 -15.48 -7.06
CA GLU G 86 -26.53 -14.97 -7.81
C GLU G 86 -26.12 -14.45 -9.18
N LEU G 87 -25.04 -13.67 -9.22
CA LEU G 87 -24.52 -13.20 -10.50
C LEU G 87 -23.95 -14.34 -11.33
N ALA G 88 -23.39 -15.37 -10.68
CA ALA G 88 -22.88 -16.53 -11.41
C ALA G 88 -24.01 -17.33 -12.03
N GLY G 89 -25.10 -17.53 -11.28
CA GLY G 89 -26.25 -18.22 -11.83
C GLY G 89 -26.93 -17.45 -12.93
N ASN G 90 -26.99 -16.12 -12.82
CA ASN G 90 -27.53 -15.32 -13.91
C ASN G 90 -26.62 -15.35 -15.14
N ALA G 91 -25.30 -15.46 -14.95
CA ALA G 91 -24.41 -15.58 -16.08
C ALA G 91 -24.55 -16.94 -16.76
N ALA G 92 -24.68 -18.00 -15.96
CA ALA G 92 -24.76 -19.35 -16.52
C ALA G 92 -26.11 -19.59 -17.17
N ARG G 93 -27.18 -19.02 -16.62
CA ARG G 93 -28.48 -19.09 -17.25
C ARG G 93 -28.55 -18.17 -18.45
N ASP G 94 -27.74 -17.12 -18.47
CA ASP G 94 -27.65 -16.23 -19.62
C ASP G 94 -26.89 -16.86 -20.77
N ASN G 95 -26.01 -17.80 -20.49
CA ASN G 95 -25.22 -18.51 -21.48
C ASN G 95 -25.90 -19.80 -21.95
N LYS G 96 -27.12 -20.07 -21.45
CA LYS G 96 -27.87 -21.31 -21.68
C LYS G 96 -27.07 -22.54 -21.26
N LYS G 97 -26.39 -22.41 -20.13
CA LYS G 97 -25.73 -23.54 -19.48
C LYS G 97 -26.44 -23.82 -18.16
N THR G 98 -26.13 -24.98 -17.57
CA THR G 98 -26.75 -25.39 -16.32
C THR G 98 -25.72 -25.63 -15.22
N ARG G 99 -24.44 -25.34 -15.48
CA ARG G 99 -23.40 -25.54 -14.50
C ARG G 99 -22.66 -24.23 -14.30
N ILE G 100 -22.05 -24.05 -13.13
CA ILE G 100 -21.19 -22.91 -12.86
C ILE G 100 -19.76 -23.38 -13.07
N ILE G 101 -19.19 -22.99 -14.21
CA ILE G 101 -17.76 -23.18 -14.46
C ILE G 101 -17.11 -21.86 -14.09
N PRO G 102 -15.81 -21.82 -13.77
CA PRO G 102 -15.17 -20.55 -13.37
C PRO G 102 -15.12 -19.48 -14.44
N ARG G 103 -15.39 -19.78 -15.70
CA ARG G 103 -15.58 -18.72 -16.68
C ARG G 103 -16.78 -17.85 -16.30
N HIS G 104 -17.81 -18.46 -15.72
CA HIS G 104 -18.95 -17.70 -15.22
C HIS G 104 -18.59 -16.88 -14.00
N LEU G 105 -17.73 -17.39 -13.12
CA LEU G 105 -17.30 -16.62 -11.96
C LEU G 105 -16.46 -15.43 -12.37
N GLN G 106 -15.55 -15.62 -13.32
CA GLN G 106 -14.74 -14.52 -13.83
C GLN G 106 -15.60 -13.49 -14.55
N LEU G 107 -16.60 -13.93 -15.30
CA LEU G 107 -17.53 -13.00 -15.94
C LEU G 107 -18.34 -12.22 -14.93
N ALA G 108 -18.84 -12.88 -13.89
CA ALA G 108 -19.67 -12.21 -12.90
C ALA G 108 -18.86 -11.26 -12.03
N ILE G 109 -17.57 -11.53 -11.85
CA ILE G 109 -16.76 -10.63 -11.04
C ILE G 109 -16.26 -9.46 -11.86
N ARG G 110 -15.80 -9.70 -13.09
CA ARG G 110 -15.22 -8.63 -13.88
C ARG G 110 -16.28 -7.70 -14.48
N ASN G 111 -17.52 -8.18 -14.65
CA ASN G 111 -18.55 -7.30 -15.18
C ASN G 111 -19.07 -6.34 -14.13
N ASP G 112 -18.95 -6.69 -12.87
CA ASP G 112 -19.46 -5.87 -11.78
C ASP G 112 -18.53 -4.69 -11.55
N GLU G 113 -19.02 -3.69 -10.82
CA GLU G 113 -18.20 -2.54 -10.46
C GLU G 113 -17.62 -2.66 -9.06
N GLU G 114 -18.46 -2.93 -8.06
CA GLU G 114 -18.00 -2.90 -6.68
C GLU G 114 -17.54 -4.27 -6.20
N LEU G 115 -17.69 -5.31 -7.02
CA LEU G 115 -16.96 -6.55 -6.76
C LEU G 115 -15.62 -6.57 -7.48
N ASN G 116 -15.47 -5.74 -8.51
CA ASN G 116 -14.20 -5.62 -9.19
C ASN G 116 -13.18 -4.88 -8.35
N LYS G 117 -13.62 -3.97 -7.48
CA LYS G 117 -12.69 -3.32 -6.56
C LYS G 117 -12.28 -4.24 -5.43
N LEU G 118 -13.16 -5.19 -5.08
CA LEU G 118 -12.82 -6.12 -4.01
C LEU G 118 -11.84 -7.18 -4.51
N LEU G 119 -11.99 -7.60 -5.76
CA LEU G 119 -11.19 -8.66 -6.35
C LEU G 119 -10.43 -8.17 -7.57
N GLY G 120 -9.76 -7.02 -7.47
CA GLY G 120 -9.05 -6.49 -8.62
C GLY G 120 -7.70 -7.13 -8.82
N ARG G 121 -7.01 -7.46 -7.73
CA ARG G 121 -5.68 -8.03 -7.86
C ARG G 121 -5.75 -9.55 -8.02
N VAL G 122 -6.81 -10.16 -7.53
CA VAL G 122 -6.96 -11.61 -7.58
C VAL G 122 -7.27 -12.06 -9.00
N THR G 123 -6.51 -13.02 -9.50
CA THR G 123 -6.82 -13.69 -10.76
C THR G 123 -7.47 -15.04 -10.47
N ILE G 124 -8.14 -15.58 -11.49
CA ILE G 124 -9.01 -16.74 -11.33
C ILE G 124 -8.50 -17.89 -12.18
N ALA G 125 -8.39 -19.07 -11.58
CA ALA G 125 -7.90 -20.24 -12.29
C ALA G 125 -8.90 -20.71 -13.32
N GLN G 126 -8.39 -20.94 -14.55
CA GLN G 126 -9.17 -21.38 -15.71
C GLN G 126 -10.31 -20.42 -16.02
N GLY G 127 -10.09 -19.12 -15.80
CA GLY G 127 -11.17 -18.17 -15.89
C GLY G 127 -11.25 -17.41 -17.19
N GLY G 128 -10.12 -17.19 -17.82
CA GLY G 128 -10.14 -16.35 -19.00
C GLY G 128 -10.27 -14.88 -18.61
N VAL G 129 -10.51 -14.06 -19.62
CA VAL G 129 -10.63 -12.63 -19.42
C VAL G 129 -12.05 -12.20 -19.77
N LEU G 130 -12.38 -10.98 -19.36
CA LEU G 130 -13.62 -10.37 -19.80
C LEU G 130 -13.49 -9.96 -21.26
N PRO G 131 -14.36 -10.47 -22.14
CA PRO G 131 -14.19 -10.19 -23.56
C PRO G 131 -14.55 -8.76 -23.92
N ASN G 132 -13.52 -7.94 -24.14
CA ASN G 132 -13.75 -6.56 -24.53
C ASN G 132 -12.55 -6.18 -25.39
N ILE G 133 -12.84 -5.57 -26.52
CA ILE G 133 -11.84 -5.19 -27.50
C ILE G 133 -11.88 -3.67 -27.64
N GLN G 134 -10.71 -3.05 -27.69
CA GLN G 134 -10.60 -1.61 -27.83
C GLN G 134 -11.16 -1.14 -29.15
N ALA G 135 -11.83 0.02 -29.12
CA ALA G 135 -12.62 0.45 -30.27
C ALA G 135 -11.78 0.92 -31.45
N VAL G 136 -10.52 1.26 -31.22
CA VAL G 136 -9.66 1.70 -32.32
C VAL G 136 -9.08 0.50 -33.08
N LEU G 137 -8.98 -0.66 -32.45
CA LEU G 137 -8.53 -1.86 -33.15
C LEU G 137 -9.60 -2.35 -34.12
N LEU G 138 -10.87 -2.16 -33.78
CA LEU G 138 -11.95 -2.62 -34.61
C LEU G 138 -12.03 -1.77 -35.89
N PRO G 139 -12.40 -2.38 -37.01
CA PRO G 139 -12.58 -1.60 -38.24
C PRO G 139 -13.86 -0.78 -38.17
N LYS G 140 -14.00 0.12 -39.14
CA LYS G 140 -15.14 1.04 -39.15
C LYS G 140 -16.33 0.43 -39.88
N LYS H 31 -10.31 -43.18 6.65
CA LYS H 31 -9.50 -43.19 7.86
C LYS H 31 -8.30 -42.26 7.56
N ARG H 32 -8.29 -41.74 6.33
CA ARG H 32 -7.65 -40.46 6.03
C ARG H 32 -8.20 -39.36 6.95
N SER H 33 -7.34 -38.41 7.29
CA SER H 33 -7.85 -37.24 7.99
C SER H 33 -8.56 -36.31 7.01
N ARG H 34 -9.61 -35.66 7.50
CA ARG H 34 -10.54 -34.95 6.65
C ARG H 34 -10.13 -33.49 6.47
N LYS H 35 -10.24 -33.02 5.23
CA LYS H 35 -9.98 -31.62 4.89
C LYS H 35 -11.11 -30.76 5.43
N GLU H 36 -10.80 -29.89 6.40
CA GLU H 36 -11.80 -29.01 6.94
C GLU H 36 -11.99 -27.82 5.99
N SER H 37 -13.17 -27.72 5.39
CA SER H 37 -13.40 -26.74 4.35
C SER H 37 -14.86 -26.31 4.37
N TYR H 38 -15.18 -25.28 3.60
CA TYR H 38 -16.51 -24.69 3.56
C TYR H 38 -17.31 -25.18 2.37
N SER H 39 -17.16 -26.45 2.00
CA SER H 39 -17.70 -26.90 0.71
C SER H 39 -19.20 -27.14 0.78
N VAL H 40 -19.71 -27.57 1.93
CA VAL H 40 -21.13 -27.89 2.03
C VAL H 40 -21.98 -26.62 2.08
N TYR H 41 -21.50 -25.59 2.78
CA TYR H 41 -22.29 -24.40 3.02
C TYR H 41 -22.40 -23.51 1.80
N VAL H 42 -21.38 -23.51 0.94
CA VAL H 42 -21.51 -22.83 -0.34
C VAL H 42 -22.59 -23.51 -1.19
N TYR H 43 -22.68 -24.84 -1.12
CA TYR H 43 -23.76 -25.53 -1.83
C TYR H 43 -25.11 -25.27 -1.20
N LYS H 44 -25.17 -25.12 0.12
CA LYS H 44 -26.43 -24.78 0.77
C LYS H 44 -26.91 -23.40 0.36
N VAL H 45 -26.00 -22.42 0.31
CA VAL H 45 -26.33 -21.08 -0.17
C VAL H 45 -26.75 -21.12 -1.62
N LEU H 46 -26.09 -21.96 -2.43
CA LEU H 46 -26.43 -22.06 -3.83
C LEU H 46 -27.81 -22.67 -4.05
N LYS H 47 -28.16 -23.69 -3.27
CA LYS H 47 -29.50 -24.24 -3.36
C LYS H 47 -30.55 -23.30 -2.78
N GLN H 48 -30.16 -22.40 -1.87
CA GLN H 48 -31.09 -21.36 -1.44
C GLN H 48 -31.32 -20.31 -2.52
N VAL H 49 -30.30 -19.99 -3.32
CA VAL H 49 -30.39 -18.86 -4.24
C VAL H 49 -30.62 -19.31 -5.68
N HIS H 50 -30.27 -20.55 -6.02
CA HIS H 50 -30.37 -21.06 -7.39
C HIS H 50 -30.57 -22.57 -7.35
N PRO H 51 -31.83 -23.01 -7.40
CA PRO H 51 -32.08 -24.45 -7.21
C PRO H 51 -31.76 -25.30 -8.42
N ASP H 52 -31.79 -24.72 -9.63
CA ASP H 52 -31.70 -25.54 -10.83
C ASP H 52 -30.25 -25.79 -11.26
N THR H 53 -29.37 -24.82 -11.10
CA THR H 53 -28.02 -24.93 -11.65
C THR H 53 -27.11 -25.65 -10.66
N GLY H 54 -26.27 -26.54 -11.19
CA GLY H 54 -25.28 -27.22 -10.39
C GLY H 54 -23.97 -26.46 -10.37
N ILE H 55 -22.99 -27.04 -9.70
CA ILE H 55 -21.68 -26.42 -9.53
C ILE H 55 -20.61 -27.47 -9.81
N SER H 56 -19.44 -27.02 -10.26
CA SER H 56 -18.33 -27.93 -10.45
C SER H 56 -17.66 -28.25 -9.11
N SER H 57 -16.57 -29.02 -9.18
CA SER H 57 -15.76 -29.24 -7.99
C SER H 57 -14.68 -28.19 -7.87
N LYS H 58 -14.08 -27.80 -8.99
CA LYS H 58 -13.02 -26.81 -8.97
C LYS H 58 -13.57 -25.42 -8.69
N ALA H 59 -14.82 -25.15 -9.09
CA ALA H 59 -15.47 -23.91 -8.69
C ALA H 59 -15.81 -23.92 -7.21
N MET H 60 -16.11 -25.09 -6.65
CA MET H 60 -16.29 -25.18 -5.21
C MET H 60 -14.99 -24.92 -4.47
N GLY H 61 -13.86 -25.37 -5.04
CA GLY H 61 -12.57 -25.04 -4.47
C GLY H 61 -12.25 -23.56 -4.57
N ILE H 62 -12.66 -22.93 -5.67
CA ILE H 62 -12.49 -21.48 -5.82
C ILE H 62 -13.31 -20.72 -4.78
N MET H 63 -14.55 -21.17 -4.54
CA MET H 63 -15.37 -20.54 -3.51
C MET H 63 -14.79 -20.75 -2.11
N ASN H 64 -14.18 -21.92 -1.88
CA ASN H 64 -13.53 -22.16 -0.59
C ASN H 64 -12.33 -21.23 -0.39
N SER H 65 -11.52 -21.06 -1.44
CA SER H 65 -10.39 -20.15 -1.36
C SER H 65 -10.83 -18.70 -1.21
N PHE H 66 -11.95 -18.33 -1.84
CA PHE H 66 -12.47 -16.97 -1.72
C PHE H 66 -12.98 -16.69 -0.32
N VAL H 67 -13.68 -17.66 0.27
CA VAL H 67 -14.17 -17.52 1.65
C VAL H 67 -12.99 -17.39 2.61
N ASN H 68 -11.94 -18.18 2.41
CA ASN H 68 -10.78 -18.06 3.29
C ASN H 68 -10.02 -16.74 3.08
N ASP H 69 -9.92 -16.24 1.85
CA ASP H 69 -9.31 -14.95 1.58
C ASP H 69 -10.06 -13.79 2.23
N ILE H 70 -11.39 -13.77 2.10
CA ILE H 70 -12.17 -12.69 2.70
C ILE H 70 -12.16 -12.79 4.22
N PHE H 71 -12.12 -14.02 4.75
CA PHE H 71 -12.00 -14.19 6.21
C PHE H 71 -10.68 -13.65 6.72
N GLU H 72 -9.58 -13.89 5.98
CA GLU H 72 -8.29 -13.32 6.39
C GLU H 72 -8.28 -11.80 6.31
N ARG H 73 -8.89 -11.22 5.27
CA ARG H 73 -8.92 -9.77 5.15
C ARG H 73 -9.68 -9.12 6.30
N ILE H 74 -10.88 -9.63 6.59
CA ILE H 74 -11.72 -9.02 7.62
C ILE H 74 -11.12 -9.26 9.00
N ALA H 75 -10.59 -10.45 9.26
CA ALA H 75 -10.03 -10.70 10.58
C ALA H 75 -8.70 -9.97 10.78
N GLY H 76 -7.93 -9.74 9.72
CA GLY H 76 -6.71 -8.96 9.86
C GLY H 76 -6.99 -7.49 10.14
N GLU H 77 -7.97 -6.92 9.45
CA GLU H 77 -8.35 -5.55 9.76
C GLU H 77 -8.97 -5.42 11.15
N ALA H 78 -9.73 -6.42 11.60
CA ALA H 78 -10.29 -6.38 12.95
C ALA H 78 -9.21 -6.49 14.00
N SER H 79 -8.18 -7.29 13.73
CA SER H 79 -7.07 -7.43 14.66
C SER H 79 -6.27 -6.14 14.77
N ARG H 80 -5.94 -5.53 13.63
CA ARG H 80 -5.16 -4.30 13.70
C ARG H 80 -5.97 -3.13 14.22
N LEU H 81 -7.29 -3.14 14.07
CA LEU H 81 -8.10 -2.09 14.68
C LEU H 81 -8.15 -2.24 16.19
N ALA H 82 -8.27 -3.49 16.67
CA ALA H 82 -8.23 -3.71 18.11
C ALA H 82 -6.86 -3.39 18.70
N HIS H 83 -5.80 -3.51 17.89
CA HIS H 83 -4.48 -3.12 18.39
C HIS H 83 -4.31 -1.61 18.39
N TYR H 84 -4.85 -0.91 17.38
CA TYR H 84 -4.72 0.54 17.31
C TYR H 84 -5.52 1.24 18.39
N ASN H 85 -6.56 0.60 18.90
CA ASN H 85 -7.30 1.19 19.99
C ASN H 85 -6.96 0.57 21.33
N LYS H 86 -5.97 -0.31 21.37
CA LYS H 86 -5.54 -1.04 22.57
C LYS H 86 -6.70 -1.84 23.16
N ARG H 87 -7.49 -2.46 22.29
CA ARG H 87 -8.57 -3.34 22.71
C ARG H 87 -8.11 -4.79 22.64
N SER H 88 -8.27 -5.54 23.73
CA SER H 88 -7.90 -6.95 23.73
C SER H 88 -9.04 -7.85 23.28
N THR H 89 -10.19 -7.27 22.97
CA THR H 89 -11.37 -8.04 22.58
C THR H 89 -11.87 -7.54 21.24
N ILE H 90 -12.01 -8.45 20.28
CA ILE H 90 -12.65 -8.11 19.01
C ILE H 90 -14.15 -8.38 19.14
N THR H 91 -14.93 -7.31 19.18
CA THR H 91 -16.38 -7.42 19.16
C THR H 91 -16.91 -7.11 17.78
N SER H 92 -18.24 -7.01 17.68
CA SER H 92 -18.87 -6.84 16.38
C SER H 92 -18.64 -5.45 15.80
N ARG H 93 -18.26 -4.50 16.65
CA ARG H 93 -17.97 -3.14 16.19
C ARG H 93 -16.74 -3.13 15.29
N GLU H 94 -15.71 -3.88 15.66
CA GLU H 94 -14.50 -3.95 14.85
C GLU H 94 -14.77 -4.62 13.52
N ILE H 95 -15.61 -5.65 13.53
CA ILE H 95 -15.97 -6.32 12.28
C ILE H 95 -16.79 -5.38 11.40
N GLN H 96 -17.67 -4.59 11.99
CA GLN H 96 -18.50 -3.65 11.24
C GLN H 96 -17.65 -2.54 10.63
N THR H 97 -16.67 -2.05 11.39
CA THR H 97 -15.76 -1.03 10.88
C THR H 97 -14.86 -1.59 9.78
N ALA H 98 -14.42 -2.84 9.93
CA ALA H 98 -13.58 -3.45 8.90
C ALA H 98 -14.37 -3.72 7.63
N VAL H 99 -15.65 -4.09 7.76
CA VAL H 99 -16.53 -4.24 6.60
C VAL H 99 -16.70 -2.90 5.90
N ARG H 100 -16.89 -1.82 6.66
CA ARG H 100 -16.98 -0.49 6.05
C ARG H 100 -15.64 -0.04 5.47
N LEU H 101 -14.53 -0.62 5.95
CA LEU H 101 -13.23 -0.28 5.40
C LEU H 101 -12.99 -0.97 4.06
N LEU H 102 -13.18 -2.30 4.01
CA LEU H 102 -12.75 -3.06 2.84
C LEU H 102 -13.76 -2.98 1.69
N LEU H 103 -15.01 -3.33 1.97
CA LEU H 103 -15.99 -3.53 0.92
C LEU H 103 -16.46 -2.20 0.37
N PRO H 104 -16.30 -1.92 -0.93
CA PRO H 104 -16.64 -0.61 -1.46
C PRO H 104 -18.07 -0.54 -1.95
N GLY H 105 -18.60 0.69 -1.97
CA GLY H 105 -19.89 0.93 -2.57
C GLY H 105 -21.04 0.48 -1.68
N GLU H 106 -22.11 0.04 -2.32
CA GLU H 106 -23.32 -0.36 -1.59
C GLU H 106 -23.14 -1.70 -0.88
N LEU H 107 -22.10 -2.46 -1.25
CA LEU H 107 -21.77 -3.72 -0.60
C LEU H 107 -21.53 -3.53 0.89
N ALA H 108 -20.94 -2.39 1.27
CA ALA H 108 -20.65 -2.09 2.66
C ALA H 108 -21.94 -2.00 3.48
N LYS H 109 -22.87 -1.13 3.06
CA LYS H 109 -24.08 -0.94 3.85
C LYS H 109 -25.02 -2.14 3.75
N HIS H 110 -25.01 -2.84 2.61
CA HIS H 110 -25.79 -4.08 2.51
C HIS H 110 -25.27 -5.13 3.47
N ALA H 111 -23.94 -5.27 3.56
CA ALA H 111 -23.34 -6.22 4.47
C ALA H 111 -23.57 -5.84 5.91
N VAL H 112 -23.54 -4.55 6.23
CA VAL H 112 -23.81 -4.09 7.59
C VAL H 112 -25.26 -4.34 7.98
N SER H 113 -26.19 -4.13 7.05
CA SER H 113 -27.60 -4.42 7.33
C SER H 113 -27.83 -5.91 7.55
N GLU H 114 -27.17 -6.76 6.73
CA GLU H 114 -27.22 -8.20 6.93
C GLU H 114 -26.63 -8.60 8.28
N GLY H 115 -25.51 -7.97 8.65
CA GLY H 115 -24.86 -8.32 9.90
C GLY H 115 -25.69 -7.95 11.11
N THR H 116 -26.20 -6.72 11.14
CA THR H 116 -27.03 -6.28 12.25
C THR H 116 -28.34 -7.06 12.31
N LYS H 117 -28.88 -7.47 11.16
CA LYS H 117 -30.01 -8.40 11.16
C LYS H 117 -29.62 -9.71 11.83
N ALA H 118 -28.40 -10.17 11.59
CA ALA H 118 -27.97 -11.43 12.18
C ALA H 118 -27.77 -11.32 13.69
N VAL H 119 -27.19 -10.22 14.19
CA VAL H 119 -27.02 -10.16 15.64
C VAL H 119 -28.34 -9.85 16.33
N THR H 120 -29.27 -9.15 15.67
CA THR H 120 -30.58 -8.96 16.29
C THR H 120 -31.35 -10.28 16.32
N LYS H 121 -31.18 -11.11 15.28
CA LYS H 121 -31.73 -12.46 15.31
C LYS H 121 -31.10 -13.29 16.41
N TYR H 122 -29.78 -13.19 16.58
CA TYR H 122 -29.09 -14.03 17.54
C TYR H 122 -29.35 -13.58 18.97
N THR H 123 -29.62 -12.30 19.17
CA THR H 123 -29.87 -11.80 20.51
C THR H 123 -31.34 -11.85 20.88
N SER H 124 -32.24 -11.83 19.89
CA SER H 124 -33.66 -11.94 20.18
C SER H 124 -34.02 -13.35 20.64
N ALA H 125 -33.33 -14.34 20.10
CA ALA H 125 -33.57 -15.74 20.47
C ALA H 125 -32.92 -16.05 21.83
N ASP K 7 -21.72 44.08 12.01
CA ASP K 7 -20.45 44.42 12.68
C ASP K 7 -20.07 43.31 13.66
N ARG K 8 -19.03 42.58 13.39
CA ARG K 8 -18.62 41.48 14.32
C ARG K 8 -17.72 42.05 15.40
N VAL K 9 -17.81 41.53 16.60
CA VAL K 9 -16.95 42.05 17.70
C VAL K 9 -15.64 41.27 17.73
N LYS K 10 -14.56 41.98 17.77
CA LYS K 10 -13.21 41.32 17.78
C LYS K 10 -12.79 41.06 19.22
N ARG K 11 -11.92 40.09 19.43
CA ARG K 11 -11.49 39.74 20.81
C ARG K 11 -10.63 40.86 21.42
N PRO K 12 -10.66 40.99 22.73
CA PRO K 12 -9.82 42.00 23.43
C PRO K 12 -8.34 41.77 23.11
N MET K 13 -7.60 42.84 22.93
CA MET K 13 -6.15 42.68 22.61
C MET K 13 -5.38 42.23 23.84
N ASN K 14 -4.53 41.25 23.69
CA ASN K 14 -3.77 40.73 24.87
C ASN K 14 -2.57 41.63 25.18
N ALA K 15 -1.98 41.43 26.32
CA ALA K 15 -0.83 42.29 26.75
C ALA K 15 0.21 42.39 25.64
N PHE K 16 0.45 41.35 24.90
CA PHE K 16 1.48 41.44 23.83
C PHE K 16 0.92 42.24 22.65
N MET K 17 -0.30 41.99 22.23
CA MET K 17 -0.82 42.75 21.11
C MET K 17 -0.89 44.24 21.44
N VAL K 18 -1.34 44.57 22.63
CA VAL K 18 -1.36 46.01 23.03
C VAL K 18 0.08 46.54 23.05
N TRP K 19 0.96 45.81 23.68
CA TRP K 19 2.39 46.23 23.76
C TRP K 19 3.05 46.25 22.38
N SER K 20 2.57 45.45 21.46
CA SER K 20 3.18 45.44 20.10
C SER K 20 2.61 46.60 19.29
N ARG K 21 1.36 46.93 19.48
CA ARG K 21 0.76 48.06 18.72
C ARG K 21 1.68 49.28 18.84
N GLY K 22 2.07 49.64 20.03
CA GLY K 22 2.96 50.83 20.20
C GLY K 22 4.42 50.46 19.95
N GLN K 23 4.83 49.28 20.34
CA GLN K 23 6.25 48.89 20.11
C GLN K 23 6.45 48.63 18.60
N ARG K 24 5.50 47.97 17.99
CA ARG K 24 5.61 47.68 16.53
C ARG K 24 5.81 48.98 15.76
N ARG K 25 5.08 50.02 16.07
CA ARG K 25 5.28 51.31 15.35
C ARG K 25 6.65 51.89 15.70
N LYS K 26 7.08 51.74 16.92
CA LYS K 26 8.42 52.28 17.32
C LYS K 26 9.50 51.63 16.45
N MET K 27 9.43 50.34 16.31
CA MET K 27 10.44 49.61 15.49
C MET K 27 10.28 49.96 14.01
N ALA K 28 9.09 50.23 13.57
CA ALA K 28 8.90 50.57 12.13
C ALA K 28 9.50 51.95 11.83
N GLN K 29 9.38 52.89 12.72
CA GLN K 29 9.98 54.19 12.47
C GLN K 29 11.50 54.11 12.49
N GLU K 30 12.00 53.29 13.38
CA GLU K 30 13.48 53.09 13.44
C GLU K 30 13.88 52.07 12.38
N ASN K 31 12.98 51.17 12.07
CA ASN K 31 13.25 50.14 11.02
C ASN K 31 12.08 50.13 10.03
N PRO K 32 11.90 51.20 9.30
CA PRO K 32 10.77 51.33 8.32
C PRO K 32 10.98 50.47 7.06
N LYS K 33 12.10 49.83 6.88
CA LYS K 33 12.31 48.98 5.72
C LYS K 33 12.34 47.51 6.12
N MET K 34 12.34 47.29 7.43
CA MET K 34 12.34 45.94 7.96
C MET K 34 11.00 45.28 7.72
N HIS K 35 11.02 44.01 7.33
CA HIS K 35 9.79 43.28 7.08
C HIS K 35 9.04 43.08 8.39
N ASN K 36 7.72 43.11 8.35
CA ASN K 36 6.91 42.90 9.54
C ASN K 36 7.24 41.51 10.05
N SER K 37 7.38 40.58 9.11
CA SER K 37 7.72 39.18 9.42
C SER K 37 8.98 39.12 10.27
N GLU K 38 9.96 39.95 9.97
CA GLU K 38 11.20 39.92 10.78
C GLU K 38 11.00 40.73 12.05
N ILE K 39 10.35 41.88 11.97
CA ILE K 39 10.15 42.66 13.22
C ILE K 39 9.35 41.81 14.19
N SER K 40 8.30 41.17 13.73
CA SER K 40 7.50 40.33 14.64
C SER K 40 8.42 39.34 15.35
N LYS K 41 9.43 38.86 14.68
CA LYS K 41 10.38 37.92 15.33
C LYS K 41 11.26 38.62 16.36
N ARG K 42 11.79 39.79 16.08
CA ARG K 42 12.62 40.45 17.08
C ARG K 42 11.79 40.93 18.27
N LEU K 43 10.60 41.42 18.01
CA LEU K 43 9.74 41.86 19.14
C LEU K 43 9.47 40.67 20.05
N GLY K 44 9.22 39.52 19.50
CA GLY K 44 8.97 38.33 20.35
C GLY K 44 10.24 38.03 21.14
N ALA K 45 11.39 38.16 20.52
CA ALA K 45 12.63 37.94 21.24
C ALA K 45 12.82 38.96 22.36
N GLU K 46 12.57 40.22 22.04
CA GLU K 46 12.67 41.27 23.05
C GLU K 46 11.57 41.13 24.11
N TRP K 47 10.38 40.80 23.68
CA TRP K 47 9.24 40.64 24.64
C TRP K 47 9.56 39.54 25.65
N LYS K 48 10.21 38.49 25.24
CA LYS K 48 10.54 37.40 26.19
C LYS K 48 11.61 37.86 27.18
N LEU K 49 12.27 38.97 26.94
CA LEU K 49 13.32 39.42 27.86
C LEU K 49 12.79 40.43 28.88
N LEU K 50 11.57 40.86 28.75
CA LEU K 50 11.03 41.85 29.75
C LEU K 50 10.76 41.10 31.06
N SER K 51 10.86 41.77 32.19
CA SER K 51 10.58 41.10 33.46
C SER K 51 9.09 41.13 33.78
N GLU K 52 8.63 40.39 34.74
CA GLU K 52 7.17 40.39 35.04
C GLU K 52 6.77 41.77 35.58
N THR K 53 7.60 42.39 36.38
CA THR K 53 7.26 43.72 36.87
C THR K 53 7.11 44.71 35.73
N GLU K 54 8.01 44.63 34.79
CA GLU K 54 7.93 45.52 33.61
C GLU K 54 6.74 45.09 32.73
N LYS K 55 6.49 43.82 32.63
CA LYS K 55 5.33 43.35 31.81
C LYS K 55 4.02 43.59 32.56
N ARG K 56 4.03 43.57 33.88
CA ARG K 56 2.81 43.77 34.65
C ARG K 56 2.01 44.96 34.13
N PRO K 57 2.67 46.09 33.87
CA PRO K 57 1.83 47.20 33.41
C PRO K 57 1.09 46.81 32.15
N PHE K 58 1.75 46.10 31.25
CA PHE K 58 1.09 45.64 30.03
C PHE K 58 -0.06 44.68 30.35
N ILE K 59 0.17 43.78 31.31
CA ILE K 59 -0.82 42.79 31.70
C ILE K 59 -2.10 43.39 32.30
N ASP K 60 -1.94 44.40 33.15
CA ASP K 60 -3.04 45.06 33.77
C ASP K 60 -3.86 45.83 32.76
N GLU K 61 -3.21 46.50 31.83
CA GLU K 61 -3.97 47.26 30.79
C GLU K 61 -4.77 46.27 29.94
N ALA K 62 -4.19 45.18 29.55
CA ALA K 62 -4.97 44.19 28.75
C ALA K 62 -6.13 43.72 29.60
N LYS K 63 -5.89 43.54 30.87
CA LYS K 63 -6.95 43.13 31.78
C LYS K 63 -8.04 44.20 31.85
N ARG K 64 -7.64 45.45 31.89
CA ARG K 64 -8.62 46.53 31.90
C ARG K 64 -9.36 46.62 30.56
N LEU K 65 -8.65 46.45 29.49
CA LEU K 65 -9.30 46.46 28.15
C LEU K 65 -10.27 45.28 28.08
N ARG K 66 -9.91 44.17 28.68
CA ARG K 66 -10.82 43.02 28.68
C ARG K 66 -12.05 43.28 29.51
N ALA K 67 -11.90 43.88 30.67
CA ALA K 67 -13.08 44.19 31.52
C ALA K 67 -13.91 45.27 30.83
N LEU K 68 -13.27 46.31 30.33
CA LEU K 68 -14.03 47.33 29.62
C LEU K 68 -14.68 46.79 28.35
N HIS K 69 -13.96 45.90 27.69
CA HIS K 69 -14.53 45.27 26.48
C HIS K 69 -15.77 44.47 26.90
N MET K 70 -15.69 43.80 28.04
CA MET K 70 -16.82 43.02 28.52
C MET K 70 -17.99 43.93 28.90
N LYS K 71 -17.71 45.15 29.29
CA LYS K 71 -18.79 46.04 29.64
C LYS K 71 -19.57 46.48 28.42
N GLU K 72 -18.84 46.77 27.34
CA GLU K 72 -19.46 47.16 26.08
C GLU K 72 -20.27 46.00 25.50
N HIS K 73 -19.70 44.80 25.58
CA HIS K 73 -20.33 43.59 25.08
C HIS K 73 -20.27 42.48 26.12
N PRO K 74 -21.12 42.57 27.16
CA PRO K 74 -21.18 41.60 28.26
C PRO K 74 -21.56 40.18 27.84
N ASP K 75 -22.52 40.04 26.93
CA ASP K 75 -22.96 38.74 26.51
C ASP K 75 -22.06 38.18 25.44
N TYR K 76 -20.97 38.84 25.14
CA TYR K 76 -20.04 38.35 24.10
C TYR K 76 -19.42 37.01 24.51
N LYS K 77 -19.27 36.13 23.57
CA LYS K 77 -18.65 34.80 23.85
C LYS K 77 -17.61 34.48 22.80
N TYR K 78 -16.49 33.93 23.19
CA TYR K 78 -15.46 33.56 22.19
C TYR K 78 -15.92 32.24 21.55
N ARG K 79 -16.17 32.25 20.27
CA ARG K 79 -16.65 31.02 19.59
C ARG K 79 -15.80 30.77 18.35
N PRO K 80 -14.67 30.11 18.49
CA PRO K 80 -13.75 29.84 17.34
C PRO K 80 -14.35 28.89 16.31
N ARG K 81 -13.94 29.01 15.08
CA ARG K 81 -14.47 28.10 14.03
C ARG K 81 -13.58 26.86 13.95
N ARG K 82 -14.17 25.70 14.08
CA ARG K 82 -13.39 24.46 14.00
C ARG K 82 -13.26 24.01 12.54
#